data_8IBX
#
_entry.id   8IBX
#
_cell.length_a   1.00
_cell.length_b   1.00
_cell.length_c   1.00
_cell.angle_alpha   90.00
_cell.angle_beta   90.00
_cell.angle_gamma   90.00
#
_symmetry.space_group_name_H-M   'P 1'
#
loop_
_entity.id
_entity.type
_entity.pdbx_description
1 polymer 'Reverse transcriptase-like protein'
2 polymer 'DNA (60-MER)'
3 polymer 'DNA (60-MER)'
4 polymer "3'UTR"
5 non-polymer 'ZINC ION'
#
loop_
_entity_poly.entity_id
_entity_poly.type
_entity_poly.pdbx_seq_one_letter_code
_entity_poly.pdbx_strand_id
1 'polypeptide(L)'
;MMASTALSLMGRCNPDGCTRGKHVTAAPMDGPRGPSSLAGTFGWGLAIPAGEPCGRVCSPATVGFFPVAKKSNKENRPEA
SGLPLESERTGDNPTVRGSAGADPVGQDAPGWTCQFCERTFSTNRGLGVHKRRAHPVETNTDAAPMMVKRRWHGEEIDLL
ARTEARLLAERGQCSGGDLFGALPGFGRTLEAIKGQRRREPYRALVQAHLARFGSQPGPSSGGCSAEPDFRRASGAEEAG
EERCAEDAAAYDPSAVGQMSPDAARVLSELLEGAGRRRACRAMRPKTAGRRNDLHDDRTASAHKTSRQKRRAEYARVQEL
YKKCRSRAAAEVIDGACGGVGHSLEEMETYWRPILERVSDAPGPTPEALHALGRAEWHGGNRDYTQLWKPISVEEIKASR
FDWRTSPGPDGIRSGQWRAVPVHLKAEMFNAWMARGEIPEILRQCRTVFVPKVERPGGPGEYRPISIASIPLRHFHSILA
RRLLACCPPDARQRGFICADGTLENSAVLDAVLGDSRKKLRECHVAVLDFAKAFDTVSHEALVELLRLRGMPEQFCGYIA
HLYDTASTTLAVNNEMSSPVKVGRGVRQGDPLSPILFNVVMDLILASLPERVGYRLEMELVSALAYAYDLVLLAGSKVGM
QESISAVDCVGRQMGLRLNCRKSAVLSMIPDGHRKKHHYLTERTFNIGGKPLRQVSCVERWRYLGVDFEASGCVTLEHSI
SSALNNISRAPLKPQQRLEILRAHLIPRFQHGFVLGNISDDRLRMLDVQIRKAVGQWLRLPADVPKAYYHAAVQDGGLAI
PSVRATIPDLIVRRFGGLDSSPWSVARAAAKSDKIRKKLRWAWKQLRRFSRVDSTTQRPSVRLFWREHLHASVDGRELRE
STRTPTSTKWIRERCAQITGRDFVQFVHTHINALPSRIRGSRGRRGGGESSLTCRAGCKVRETTAHILQQCHRTHGGRIL
RHNKIVSFVAKAMEENKWTVELEPRLRTSVGLRKPAIIASRDGVGVIVDVQVVSGQRSLDELHREKRNKYGNHGELVELV
AGRLGLPKAECVRATSCTISWRGVWSLTSYKELRSIIGLREPTLQIVPILALRGSHMNWTRFNQMTSVMGGGVG
;
C
2 'polydeoxyribonucleotide'
;(DG)(DA)(DC)(DG)(DA)(DG)(DG)(DC)(DA)(DT)(DT)(DT)(DG)(DG)(DC)(DT)(DA)(DC)(DC)(DT)
(DT)(DA)(DA)(DG)(DA)(DG)(DA)(DG)(DT)(DC)(DA)(DT)(DA)(DG)(DT)(DT)(DA)(DC)(DT)(DC)
(DC)(DC)(DG)(DC)(DC)(DG)(DT)(DT)(DT)(DA)(DC)(DC)(DC)(DG)(DC)(DG)(DC)(DT)(DT)(DG)
;
B
3 'polydeoxyribonucleotide'
;(DC)(DA)(DA)(DG)(DC)(DG)(DC)(DG)(DG)(DG)(DT)(DA)(DA)(DA)(DC)(DG)(DG)(DC)(DG)(DG)
(DG)(DA)(DG)(DT)(DA)(DA)(DC)(DT)(DA)(DT)(DG)(DA)(DC)(DT)(DC)(DT)(DC)(DT)(DT)(DA)
(DA)(DG)(DG)(DT)(DA)(DG)(DC)(DC)(DA)(DA)(DA)(DT)(DG)(DC)(DC)(DT)(DC)(DG)(DT)(DC)
;
A
4 'polyribonucleotide' GUAGAUCAGGCCCGUCUGAUCCAAUUUCGCCGGCGUACCCGGCGAUGAAA D
#
loop_
_chem_comp.id
_chem_comp.type
_chem_comp.name
_chem_comp.formula
A RNA linking ADENOSINE-5'-MONOPHOSPHATE 'C10 H14 N5 O7 P'
C RNA linking CYTIDINE-5'-MONOPHOSPHATE 'C9 H14 N3 O8 P'
DA DNA linking 2'-DEOXYADENOSINE-5'-MONOPHOSPHATE 'C10 H14 N5 O6 P'
DC DNA linking 2'-DEOXYCYTIDINE-5'-MONOPHOSPHATE 'C9 H14 N3 O7 P'
DG DNA linking 2'-DEOXYGUANOSINE-5'-MONOPHOSPHATE 'C10 H14 N5 O7 P'
DT DNA linking THYMIDINE-5'-MONOPHOSPHATE 'C10 H15 N2 O8 P'
G RNA linking GUANOSINE-5'-MONOPHOSPHATE 'C10 H14 N5 O8 P'
U RNA linking URIDINE-5'-MONOPHOSPHATE 'C9 H13 N2 O9 P'
ZN non-polymer 'ZINC ION' 'Zn 2'
#
# COMPACT_ATOMS: atom_id res chain seq x y z
N GLY A 111 -19.44 -50.41 -9.71
CA GLY A 111 -19.02 -51.03 -8.41
C GLY A 111 -18.50 -50.00 -7.42
N TRP A 112 -17.37 -49.40 -7.74
CA TRP A 112 -16.75 -48.41 -6.86
C TRP A 112 -17.69 -47.23 -6.66
N THR A 113 -18.11 -47.02 -5.41
CA THR A 113 -19.05 -45.96 -5.08
C THR A 113 -18.64 -45.28 -3.79
N CYS A 114 -18.60 -43.94 -3.81
CA CYS A 114 -18.34 -43.17 -2.61
C CYS A 114 -19.55 -43.21 -1.69
N GLN A 115 -19.31 -43.01 -0.40
CA GLN A 115 -20.33 -43.14 0.63
C GLN A 115 -20.80 -41.78 1.14
N PHE A 116 -20.28 -40.70 0.57
CA PHE A 116 -20.60 -39.36 1.07
C PHE A 116 -21.12 -38.47 -0.05
N CYS A 117 -20.56 -38.59 -1.25
CA CYS A 117 -21.15 -37.93 -2.40
C CYS A 117 -22.11 -38.83 -3.15
N GLU A 118 -22.12 -40.14 -2.85
CA GLU A 118 -22.99 -41.11 -3.50
C GLU A 118 -22.81 -41.07 -5.02
N ARG A 119 -21.56 -41.26 -5.42
CA ARG A 119 -21.20 -41.35 -6.83
C ARG A 119 -20.51 -42.67 -7.07
N THR A 120 -20.89 -43.35 -8.14
CA THR A 120 -20.24 -44.60 -8.54
C THR A 120 -19.27 -44.33 -9.67
N PHE A 121 -18.01 -44.71 -9.46
CA PHE A 121 -16.95 -44.45 -10.42
C PHE A 121 -16.43 -45.78 -10.98
N SER A 122 -16.02 -45.74 -12.25
CA SER A 122 -15.64 -46.96 -12.95
C SER A 122 -14.44 -47.65 -12.32
N THR A 123 -13.50 -46.90 -11.73
CA THR A 123 -12.28 -47.48 -11.21
C THR A 123 -12.01 -46.91 -9.83
N ASN A 124 -11.30 -47.70 -9.01
CA ASN A 124 -10.95 -47.26 -7.67
C ASN A 124 -10.07 -46.01 -7.71
N ARG A 125 -9.26 -45.85 -8.76
CA ARG A 125 -8.50 -44.62 -8.92
C ARG A 125 -9.41 -43.41 -8.92
N GLY A 126 -10.50 -43.48 -9.70
CA GLY A 126 -11.45 -42.38 -9.74
C GLY A 126 -12.03 -42.10 -8.37
N LEU A 127 -12.40 -43.16 -7.65
CA LEU A 127 -12.98 -42.98 -6.33
C LEU A 127 -12.01 -42.28 -5.40
N GLY A 128 -10.75 -42.72 -5.40
CA GLY A 128 -9.77 -42.11 -4.51
C GLY A 128 -9.50 -40.66 -4.84
N VAL A 129 -9.34 -40.36 -6.14
CA VAL A 129 -9.07 -38.99 -6.51
C VAL A 129 -10.27 -38.11 -6.19
N HIS A 130 -11.49 -38.62 -6.36
CA HIS A 130 -12.66 -37.87 -5.96
C HIS A 130 -12.67 -37.63 -4.45
N LYS A 131 -12.26 -38.63 -3.68
CA LYS A 131 -12.22 -38.48 -2.24
C LYS A 131 -11.27 -37.36 -1.84
N ARG A 132 -10.11 -37.29 -2.49
CA ARG A 132 -9.11 -36.30 -2.10
C ARG A 132 -9.60 -34.88 -2.29
N ARG A 133 -10.59 -34.67 -3.17
CA ARG A 133 -11.11 -33.32 -3.38
C ARG A 133 -12.41 -33.09 -2.63
N ALA A 134 -13.42 -33.92 -2.91
CA ALA A 134 -14.73 -33.70 -2.33
C ALA A 134 -14.75 -33.92 -0.83
N HIS A 135 -13.87 -34.77 -0.30
CA HIS A 135 -13.88 -35.15 1.11
C HIS A 135 -12.48 -34.96 1.70
N PRO A 136 -12.06 -33.72 1.91
CA PRO A 136 -10.69 -33.50 2.40
C PRO A 136 -10.46 -33.99 3.82
N VAL A 137 -11.33 -33.60 4.76
CA VAL A 137 -11.04 -33.84 6.18
C VAL A 137 -11.00 -35.33 6.48
N GLU A 138 -12.04 -36.06 6.07
CA GLU A 138 -12.13 -37.46 6.45
C GLU A 138 -11.02 -38.28 5.81
N THR A 139 -10.75 -38.06 4.52
CA THR A 139 -9.66 -38.79 3.89
C THR A 139 -8.31 -38.42 4.50
N ASN A 140 -8.12 -37.15 4.86
CA ASN A 140 -6.88 -36.75 5.51
C ASN A 140 -6.70 -37.51 6.82
N THR A 141 -7.75 -37.62 7.62
CA THR A 141 -7.66 -38.42 8.83
C THR A 141 -7.34 -39.88 8.49
N ASP A 142 -8.00 -40.41 7.46
CA ASP A 142 -7.75 -41.79 7.08
C ASP A 142 -6.30 -42.01 6.68
N ALA A 143 -5.65 -40.99 6.15
CA ALA A 143 -4.29 -41.10 5.65
C ALA A 143 -3.24 -40.88 6.72
N ALA A 144 -3.64 -40.67 7.97
CA ALA A 144 -2.67 -40.47 9.03
C ALA A 144 -1.79 -41.71 9.16
N PRO A 145 -0.47 -41.57 9.07
CA PRO A 145 0.39 -42.75 9.07
C PRO A 145 0.55 -43.34 10.46
N MET A 146 0.86 -44.63 10.48
CA MET A 146 1.24 -45.27 11.74
C MET A 146 2.65 -44.85 12.12
N MET A 147 2.94 -44.90 13.41
CA MET A 147 4.20 -44.33 13.93
C MET A 147 4.97 -45.37 14.73
N VAL A 148 5.14 -46.57 14.18
CA VAL A 148 5.77 -47.65 14.93
C VAL A 148 7.23 -47.32 15.22
N LYS A 149 8.03 -47.17 14.17
CA LYS A 149 9.48 -47.05 14.28
C LYS A 149 10.00 -45.90 13.42
N ARG A 150 9.41 -44.73 13.60
CA ARG A 150 9.78 -43.54 12.82
C ARG A 150 11.29 -43.44 12.68
N ARG A 151 11.72 -42.95 11.51
CA ARG A 151 13.15 -42.76 11.27
C ARG A 151 13.71 -41.68 12.19
N TRP A 152 14.97 -41.85 12.58
CA TRP A 152 15.63 -40.91 13.47
C TRP A 152 16.08 -39.70 12.67
N HIS A 153 15.34 -38.60 12.79
CA HIS A 153 15.72 -37.38 12.09
C HIS A 153 16.95 -36.77 12.74
N GLY A 154 17.66 -35.96 11.94
CA GLY A 154 18.94 -35.42 12.41
C GLY A 154 18.80 -34.59 13.66
N GLU A 155 17.72 -33.81 13.77
CA GLU A 155 17.54 -32.94 14.93
C GLU A 155 17.41 -33.75 16.21
N GLU A 156 16.71 -34.88 16.17
CA GLU A 156 16.65 -35.76 17.32
C GLU A 156 18.05 -36.21 17.73
N ILE A 157 18.88 -36.57 16.75
CA ILE A 157 20.23 -37.01 17.05
C ILE A 157 21.02 -35.89 17.70
N ASP A 158 20.90 -34.66 17.17
CA ASP A 158 21.64 -33.54 17.73
C ASP A 158 21.22 -33.29 19.17
N LEU A 159 19.92 -33.26 19.44
CA LEU A 159 19.45 -33.03 20.79
C LEU A 159 19.94 -34.12 21.73
N LEU A 160 19.84 -35.38 21.30
CA LEU A 160 20.28 -36.48 22.13
C LEU A 160 21.76 -36.39 22.44
N ALA A 161 22.57 -36.09 21.43
CA ALA A 161 24.01 -35.97 21.65
C ALA A 161 24.32 -34.85 22.61
N ARG A 162 23.66 -33.70 22.44
CA ARG A 162 23.95 -32.55 23.30
C ARG A 162 23.60 -32.85 24.76
N THR A 163 22.41 -33.44 24.98
CA THR A 163 22.03 -33.76 26.36
C THR A 163 22.94 -34.83 26.95
N GLU A 164 23.33 -35.83 26.16
CA GLU A 164 24.25 -36.83 26.68
C GLU A 164 25.59 -36.20 27.04
N ALA A 165 26.08 -35.28 26.21
CA ALA A 165 27.36 -34.64 26.48
C ALA A 165 27.30 -33.84 27.78
N ARG A 166 26.26 -33.02 27.94
CA ARG A 166 26.18 -32.23 29.17
C ARG A 166 26.02 -33.12 30.38
N LEU A 167 25.22 -34.20 30.26
CA LEU A 167 25.04 -35.10 31.39
C LEU A 167 26.34 -35.79 31.76
N LEU A 168 27.11 -36.23 30.77
CA LEU A 168 28.40 -36.84 31.06
C LEU A 168 29.35 -35.83 31.71
N ALA A 169 29.38 -34.60 31.19
CA ALA A 169 30.27 -33.59 31.74
C ALA A 169 29.95 -33.31 33.20
N GLU A 170 28.67 -33.18 33.53
CA GLU A 170 28.28 -32.90 34.91
C GLU A 170 28.34 -34.14 35.79
N ARG A 171 28.33 -35.34 35.20
CA ARG A 171 28.29 -36.58 35.97
C ARG A 171 29.49 -37.47 35.69
N GLY A 172 29.83 -37.70 34.43
CA GLY A 172 30.95 -38.54 34.08
C GLY A 172 30.53 -39.80 33.35
N GLN A 173 29.37 -40.35 33.69
CA GLN A 173 28.83 -41.53 33.05
C GLN A 173 27.34 -41.34 32.81
N CYS A 174 26.84 -41.96 31.75
CA CYS A 174 25.44 -41.82 31.36
C CYS A 174 25.01 -43.03 30.56
N SER A 175 23.69 -43.20 30.47
CA SER A 175 23.12 -44.31 29.70
C SER A 175 21.65 -43.99 29.43
N GLY A 176 20.96 -44.96 28.83
CA GLY A 176 19.55 -44.75 28.52
C GLY A 176 18.71 -44.52 29.77
N GLY A 177 19.05 -45.20 30.87
CA GLY A 177 18.23 -45.10 32.06
C GLY A 177 18.09 -43.68 32.57
N ASP A 178 19.20 -42.96 32.66
CA ASP A 178 19.16 -41.57 33.10
C ASP A 178 18.85 -40.60 31.97
N LEU A 179 19.19 -40.97 30.73
CA LEU A 179 18.83 -40.12 29.61
C LEU A 179 17.33 -39.97 29.49
N PHE A 180 16.59 -41.07 29.65
CA PHE A 180 15.13 -40.97 29.63
C PHE A 180 14.64 -39.92 30.61
N GLY A 181 15.14 -39.96 31.84
CA GLY A 181 14.78 -38.94 32.80
C GLY A 181 15.19 -37.55 32.34
N ALA A 182 16.33 -37.46 31.66
CA ALA A 182 16.78 -36.18 31.14
C ALA A 182 15.82 -35.64 30.08
N LEU A 183 15.23 -36.51 29.27
CA LEU A 183 14.34 -36.12 28.17
C LEU A 183 12.98 -36.76 28.42
N PRO A 184 12.02 -36.02 29.02
CA PRO A 184 10.71 -36.62 29.27
C PRO A 184 9.85 -36.75 28.03
N GLY A 185 9.81 -35.72 27.19
CA GLY A 185 8.90 -35.71 26.05
C GLY A 185 9.52 -36.15 24.75
N PHE A 186 10.65 -36.88 24.83
CA PHE A 186 11.33 -37.28 23.62
C PHE A 186 10.50 -38.23 22.77
N GLY A 187 9.64 -39.02 23.40
CA GLY A 187 8.78 -39.91 22.64
C GLY A 187 9.47 -41.13 22.07
N ARG A 188 10.58 -41.54 22.64
CA ARG A 188 11.28 -42.76 22.23
C ARG A 188 11.38 -43.71 23.41
N THR A 189 11.28 -45.00 23.13
CA THR A 189 11.29 -45.99 24.21
C THR A 189 12.69 -46.11 24.79
N LEU A 190 12.74 -46.60 26.04
CA LEU A 190 14.03 -46.80 26.71
C LEU A 190 14.90 -47.79 25.95
N GLU A 191 14.29 -48.66 25.15
CA GLU A 191 15.08 -49.59 24.35
C GLU A 191 15.46 -48.97 23.02
N ALA A 192 14.58 -48.15 22.44
CA ALA A 192 14.91 -47.46 21.21
C ALA A 192 16.09 -46.52 21.40
N ILE A 193 16.11 -45.81 22.53
CA ILE A 193 17.23 -44.91 22.82
C ILE A 193 18.51 -45.71 22.96
N LYS A 194 18.46 -46.85 23.65
CA LYS A 194 19.65 -47.68 23.78
C LYS A 194 20.14 -48.16 22.41
N GLY A 195 19.21 -48.59 21.55
CA GLY A 195 19.61 -49.04 20.25
C GLY A 195 20.25 -47.93 19.42
N GLN A 196 19.63 -46.76 19.40
CA GLN A 196 20.22 -45.63 18.69
C GLN A 196 21.56 -45.24 19.29
N ARG A 197 21.76 -45.52 20.58
CA ARG A 197 23.03 -45.23 21.22
C ARG A 197 24.18 -46.01 20.62
N ARG A 198 23.88 -47.11 19.91
CA ARG A 198 24.93 -47.97 19.40
C ARG A 198 25.57 -47.41 18.13
N ARG A 199 24.92 -46.47 17.45
CA ARG A 199 25.44 -45.96 16.19
C ARG A 199 26.74 -45.17 16.43
N GLU A 200 27.66 -45.28 15.48
CA GLU A 200 29.01 -44.73 15.64
C GLU A 200 29.04 -43.23 15.40
N PRO A 201 28.45 -42.72 14.31
CA PRO A 201 28.40 -41.26 14.15
C PRO A 201 27.70 -40.57 15.31
N TYR A 202 26.75 -41.25 15.94
CA TYR A 202 26.08 -40.69 17.11
C TYR A 202 27.08 -40.40 18.22
N ARG A 203 27.90 -41.40 18.58
CA ARG A 203 28.91 -41.17 19.61
C ARG A 203 29.98 -40.20 19.13
N ALA A 204 30.24 -40.15 17.82
CA ALA A 204 31.18 -39.17 17.31
C ALA A 204 30.68 -37.76 17.59
N LEU A 205 29.40 -37.50 17.29
CA LEU A 205 28.81 -36.21 17.60
C LEU A 205 28.80 -35.95 19.09
N VAL A 206 28.57 -37.00 19.89
CA VAL A 206 28.61 -36.85 21.34
C VAL A 206 29.98 -36.33 21.77
N GLN A 207 31.03 -36.94 21.23
CA GLN A 207 32.39 -36.51 21.56
C GLN A 207 32.64 -35.08 21.10
N ALA A 208 32.15 -34.74 19.90
CA ALA A 208 32.35 -33.39 19.39
C ALA A 208 31.70 -32.36 20.31
N HIS A 209 30.46 -32.61 20.72
CA HIS A 209 29.78 -31.68 21.61
C HIS A 209 30.46 -31.63 22.97
N LEU A 210 30.94 -32.78 23.47
CA LEU A 210 31.67 -32.77 24.74
C LEU A 210 32.90 -31.91 24.64
N ALA A 211 33.65 -32.03 23.55
CA ALA A 211 34.83 -31.19 23.36
C ALA A 211 34.44 -29.72 23.31
N ARG A 212 33.33 -29.41 22.63
CA ARG A 212 32.86 -28.03 22.59
C ARG A 212 32.56 -27.52 23.99
N PHE A 213 31.93 -28.34 24.83
CA PHE A 213 31.68 -27.95 26.20
C PHE A 213 32.95 -27.94 27.04
N GLY A 214 34.04 -28.49 26.52
CA GLY A 214 35.31 -28.43 27.24
C GLY A 214 35.84 -27.04 27.45
N SER A 215 35.36 -26.06 26.69
CA SER A 215 35.76 -24.68 26.86
C SER A 215 35.38 -24.18 28.26
N SER A 260 21.66 29.39 18.59
CA SER A 260 21.66 30.83 18.72
C SER A 260 20.44 31.31 19.52
N PRO A 261 20.48 32.56 19.98
CA PRO A 261 19.32 33.08 20.72
C PRO A 261 18.03 33.05 19.92
N ASP A 262 18.09 33.28 18.61
CA ASP A 262 16.87 33.29 17.81
C ASP A 262 16.27 31.90 17.67
N ALA A 263 17.13 30.88 17.53
CA ALA A 263 16.62 29.52 17.47
C ALA A 263 15.89 29.16 18.76
N ALA A 264 16.48 29.50 19.90
CA ALA A 264 15.81 29.27 21.17
C ALA A 264 14.53 30.08 21.26
N ARG A 265 14.54 31.29 20.71
CA ARG A 265 13.34 32.13 20.75
C ARG A 265 12.19 31.48 19.98
N VAL A 266 12.48 30.97 18.78
CA VAL A 266 11.42 30.35 17.99
C VAL A 266 10.97 29.04 18.63
N LEU A 267 11.91 28.28 19.20
CA LEU A 267 11.52 27.07 19.90
C LEU A 267 10.62 27.38 21.09
N SER A 268 10.95 28.43 21.84
CA SER A 268 10.11 28.84 22.95
C SER A 268 8.76 29.33 22.47
N GLU A 269 8.70 30.00 21.32
CA GLU A 269 7.42 30.41 20.76
C GLU A 269 6.56 29.19 20.46
N LEU A 270 7.15 28.18 19.83
CA LEU A 270 6.40 26.96 19.54
C LEU A 270 5.94 26.27 20.82
N LEU A 271 6.82 26.22 21.82
CA LEU A 271 6.47 25.59 23.09
C LEU A 271 5.34 26.35 23.77
N GLU A 272 5.39 27.68 23.75
CA GLU A 272 4.33 28.48 24.37
C GLU A 272 3.00 28.29 23.65
N GLY A 273 3.02 28.24 22.31
CA GLY A 273 1.80 27.96 21.58
C GLY A 273 1.23 26.60 21.91
N ALA A 274 2.09 25.58 21.96
CA ALA A 274 1.62 24.25 22.31
C ALA A 274 1.06 24.21 23.73
N GLY A 275 1.72 24.90 24.66
CA GLY A 275 1.22 24.93 26.02
C GLY A 275 -0.11 25.63 26.14
N ARG A 276 -0.28 26.74 25.41
CA ARG A 276 -1.56 27.43 25.40
C ARG A 276 -2.65 26.53 24.85
N ARG A 277 -2.36 25.81 23.76
CA ARG A 277 -3.33 24.88 23.22
C ARG A 277 -3.66 23.79 24.24
N ARG A 278 -2.65 23.26 24.93
CA ARG A 278 -2.90 22.23 25.92
C ARG A 278 -3.80 22.76 27.03
N ALA A 279 -3.50 23.95 27.54
CA ALA A 279 -4.30 24.52 28.61
C ALA A 279 -5.74 24.74 28.16
N CYS A 280 -5.92 25.25 26.94
CA CYS A 280 -7.27 25.42 26.43
C CYS A 280 -8.00 24.10 26.33
N ARG A 281 -7.31 23.06 25.87
CA ARG A 281 -7.93 21.74 25.74
C ARG A 281 -8.35 21.20 27.10
N ALA A 282 -7.45 21.28 28.08
CA ALA A 282 -7.74 20.72 29.39
C ALA A 282 -8.83 21.49 30.12
N MET A 283 -8.85 22.81 30.01
CA MET A 283 -9.83 23.62 30.71
C MET A 283 -11.21 23.49 30.08
N THR A 305 -32.20 11.26 14.19
CA THR A 305 -32.97 10.73 13.06
C THR A 305 -32.04 10.14 12.02
N SER A 306 -32.54 9.16 11.26
CA SER A 306 -31.72 8.52 10.25
C SER A 306 -31.16 9.54 9.27
N ARG A 307 -32.00 10.49 8.84
CA ARG A 307 -31.52 11.54 7.96
C ARG A 307 -30.44 12.38 8.64
N GLN A 308 -30.67 12.75 9.90
CA GLN A 308 -29.64 13.47 10.65
C GLN A 308 -28.40 12.62 10.81
N LYS A 309 -28.56 11.32 11.03
CA LYS A 309 -27.42 10.43 11.14
C LYS A 309 -26.59 10.45 9.87
N ARG A 310 -27.25 10.36 8.71
CA ARG A 310 -26.51 10.34 7.45
C ARG A 310 -25.85 11.69 7.18
N ARG A 311 -26.53 12.79 7.51
CA ARG A 311 -25.92 14.09 7.31
C ARG A 311 -24.68 14.25 8.19
N ALA A 312 -24.76 13.83 9.45
CA ALA A 312 -23.60 13.91 10.32
C ALA A 312 -22.47 13.03 9.81
N GLU A 313 -22.81 11.83 9.32
CA GLU A 313 -21.78 10.95 8.74
C GLU A 313 -21.12 11.60 7.54
N TYR A 314 -21.92 12.26 6.69
CA TYR A 314 -21.36 12.95 5.54
C TYR A 314 -20.38 14.03 5.97
N ALA A 315 -20.78 14.84 6.95
CA ALA A 315 -19.89 15.89 7.42
C ALA A 315 -18.61 15.29 7.97
N ARG A 316 -18.73 14.25 8.81
CA ARG A 316 -17.56 13.64 9.41
C ARG A 316 -16.64 13.07 8.34
N VAL A 317 -17.20 12.34 7.38
CA VAL A 317 -16.36 11.69 6.37
C VAL A 317 -15.67 12.74 5.52
N GLN A 318 -16.38 13.79 5.12
CA GLN A 318 -15.74 14.81 4.30
C GLN A 318 -14.60 15.48 5.05
N GLU A 319 -14.85 15.88 6.31
CA GLU A 319 -13.78 16.52 7.07
C GLU A 319 -12.60 15.58 7.23
N LEU A 320 -12.86 14.32 7.54
CA LEU A 320 -11.79 13.35 7.74
C LEU A 320 -10.98 13.14 6.47
N TYR A 321 -11.66 12.99 5.34
CA TYR A 321 -10.98 12.74 4.09
C TYR A 321 -10.17 13.96 3.66
N LYS A 322 -10.63 15.15 4.02
CA LYS A 322 -9.91 16.35 3.61
C LYS A 322 -8.53 16.44 4.25
N LYS A 323 -8.30 15.75 5.37
CA LYS A 323 -7.07 15.93 6.13
C LYS A 323 -6.14 14.72 6.06
N CYS A 324 -6.60 13.54 6.48
CA CYS A 324 -5.79 12.32 6.44
C CYS A 324 -6.53 11.29 5.61
N ARG A 325 -6.13 11.16 4.34
CA ARG A 325 -6.88 10.36 3.40
C ARG A 325 -6.95 8.90 3.81
N SER A 326 -5.83 8.32 4.25
CA SER A 326 -5.79 6.89 4.51
C SER A 326 -6.82 6.50 5.56
N ARG A 327 -6.96 7.32 6.60
CA ARG A 327 -7.98 7.03 7.62
C ARG A 327 -9.35 6.93 6.98
N ALA A 328 -9.72 7.92 6.15
CA ALA A 328 -11.04 7.93 5.55
C ALA A 328 -11.24 6.72 4.65
N ALA A 329 -10.23 6.37 3.86
CA ALA A 329 -10.36 5.24 2.95
C ALA A 329 -10.58 3.95 3.74
N ALA A 330 -9.75 3.73 4.76
CA ALA A 330 -9.89 2.51 5.54
C ALA A 330 -11.24 2.46 6.25
N GLU A 331 -11.71 3.59 6.77
CA GLU A 331 -13.03 3.61 7.41
C GLU A 331 -14.13 3.29 6.41
N VAL A 332 -14.09 3.91 5.23
CA VAL A 332 -15.18 3.75 4.27
C VAL A 332 -15.21 2.35 3.72
N ILE A 333 -14.07 1.80 3.30
CA ILE A 333 -14.06 0.45 2.78
C ILE A 333 -14.51 -0.53 3.86
N ASP A 334 -13.94 -0.41 5.06
CA ASP A 334 -14.21 -1.33 6.15
C ASP A 334 -15.15 -0.68 7.14
N GLY A 335 -16.39 -1.16 7.18
CA GLY A 335 -17.32 -0.68 8.17
C GLY A 335 -17.68 0.78 7.97
N ALA A 336 -18.25 1.37 9.00
CA ALA A 336 -18.71 2.76 8.96
C ALA A 336 -19.12 3.14 10.39
N CYS A 337 -19.79 4.28 10.51
CA CYS A 337 -20.39 4.73 11.77
C CYS A 337 -19.30 4.83 12.85
N GLY A 338 -18.37 5.73 12.59
CA GLY A 338 -17.33 6.06 13.56
C GLY A 338 -16.16 5.10 13.58
N GLY A 339 -16.40 3.85 13.20
CA GLY A 339 -15.34 2.86 13.18
C GLY A 339 -15.06 2.24 14.53
N VAL A 340 -14.66 3.07 15.50
CA VAL A 340 -14.30 2.54 16.82
C VAL A 340 -15.48 1.81 17.44
N GLY A 341 -16.66 2.44 17.46
CA GLY A 341 -17.87 1.76 17.87
C GLY A 341 -17.88 1.21 19.28
N HIS A 342 -16.82 1.47 20.05
CA HIS A 342 -16.72 0.97 21.41
C HIS A 342 -16.59 2.06 22.46
N SER A 343 -16.52 3.33 22.05
CA SER A 343 -16.47 4.43 23.00
C SER A 343 -15.25 4.35 23.90
N LEU A 344 -15.13 5.27 24.85
CA LEU A 344 -13.97 5.28 25.74
C LEU A 344 -14.02 4.11 26.72
N GLU A 345 -15.19 3.86 27.31
CA GLU A 345 -15.36 2.67 28.12
C GLU A 345 -15.20 1.42 27.25
N GLU A 346 -14.82 0.32 27.90
CA GLU A 346 -14.36 -0.91 27.26
C GLU A 346 -12.94 -0.77 26.74
N MET A 347 -12.33 0.41 26.84
CA MET A 347 -10.93 0.61 26.48
C MET A 347 -10.10 0.99 27.70
N GLU A 348 -10.49 2.05 28.41
CA GLU A 348 -9.79 2.42 29.63
C GLU A 348 -9.80 1.28 30.64
N THR A 349 -10.93 0.56 30.74
CA THR A 349 -10.99 -0.58 31.64
C THR A 349 -10.17 -1.76 31.14
N TYR A 350 -9.97 -1.87 29.84
CA TYR A 350 -9.26 -3.00 29.25
C TYR A 350 -7.80 -2.72 28.95
N TRP A 351 -7.39 -1.46 28.87
CA TRP A 351 -6.04 -1.10 28.50
C TRP A 351 -5.25 -0.41 29.62
N ARG A 352 -5.86 0.53 30.34
CA ARG A 352 -5.11 1.26 31.36
C ARG A 352 -4.41 0.32 32.33
N PRO A 353 -5.05 -0.72 32.86
CA PRO A 353 -4.32 -1.62 33.76
C PRO A 353 -3.10 -2.24 33.12
N ILE A 354 -3.18 -2.60 31.84
CA ILE A 354 -2.03 -3.19 31.16
C ILE A 354 -0.95 -2.14 30.94
N LEU A 355 -1.34 -0.93 30.52
CA LEU A 355 -0.35 0.11 30.28
C LEU A 355 0.31 0.57 31.57
N GLU A 356 -0.34 0.37 32.70
CA GLU A 356 0.21 0.86 33.96
C GLU A 356 1.10 -0.17 34.63
N ARG A 357 0.73 -1.45 34.57
CA ARG A 357 1.45 -2.48 35.29
C ARG A 357 2.92 -2.48 34.88
N VAL A 358 3.80 -2.56 35.88
CA VAL A 358 5.23 -2.60 35.62
C VAL A 358 5.67 -4.05 35.46
N SER A 359 6.39 -4.33 34.38
CA SER A 359 6.86 -5.68 34.12
C SER A 359 7.86 -6.11 35.18
N ASP A 360 7.89 -7.41 35.44
CA ASP A 360 8.78 -8.01 36.43
C ASP A 360 9.78 -8.95 35.77
N ALA A 361 10.29 -8.55 34.61
CA ALA A 361 11.26 -9.39 33.90
C ALA A 361 12.57 -9.43 34.66
N PRO A 362 13.13 -10.61 34.92
CA PRO A 362 14.42 -10.67 35.64
C PRO A 362 15.61 -10.28 34.80
N GLY A 363 15.46 -10.22 33.48
CA GLY A 363 16.56 -9.90 32.60
C GLY A 363 17.07 -11.14 31.89
N PRO A 364 18.02 -10.96 30.98
CA PRO A 364 18.55 -12.11 30.23
C PRO A 364 19.53 -12.92 31.04
N THR A 365 19.49 -14.23 30.83
CA THR A 365 20.46 -15.11 31.46
C THR A 365 21.84 -14.91 30.83
N PRO A 366 22.91 -15.10 31.60
CA PRO A 366 24.25 -15.00 31.00
C PRO A 366 24.45 -15.96 29.83
N GLU A 367 23.78 -17.12 29.86
CA GLU A 367 23.87 -18.06 28.75
C GLU A 367 23.37 -17.42 27.47
N ALA A 368 22.22 -16.74 27.53
CA ALA A 368 21.68 -16.08 26.35
C ALA A 368 22.61 -14.97 25.88
N LEU A 369 23.19 -14.23 26.82
CA LEU A 369 24.12 -13.17 26.45
C LEU A 369 25.31 -13.76 25.70
N HIS A 370 25.87 -14.85 26.20
CA HIS A 370 26.99 -15.49 25.52
C HIS A 370 26.57 -16.00 24.14
N ALA A 371 25.38 -16.59 24.04
CA ALA A 371 24.92 -17.08 22.74
C ALA A 371 24.82 -15.94 21.74
N LEU A 372 24.24 -14.82 22.16
CA LEU A 372 24.20 -13.65 21.30
C LEU A 372 25.60 -13.14 21.00
N GLY A 373 26.55 -13.37 21.91
CA GLY A 373 27.91 -12.91 21.69
C GLY A 373 28.55 -13.48 20.44
N ARG A 374 28.03 -14.59 19.94
CA ARG A 374 28.48 -15.14 18.66
C ARG A 374 28.42 -14.04 17.61
N THR A 385 29.71 3.43 18.23
CA THR A 385 30.52 4.58 18.63
C THR A 385 30.26 5.77 17.71
N GLN A 386 30.11 5.49 16.42
CA GLN A 386 29.77 6.54 15.46
C GLN A 386 28.45 7.20 15.81
N LEU A 387 27.58 6.52 16.54
CA LEU A 387 26.30 7.09 16.93
C LEU A 387 26.52 8.21 17.95
N TRP A 388 25.49 9.05 18.09
CA TRP A 388 25.48 10.18 19.03
C TRP A 388 26.31 11.35 18.55
N LYS A 389 26.93 11.26 17.38
CA LYS A 389 27.69 12.38 16.87
C LYS A 389 26.76 13.53 16.52
N PRO A 390 27.24 14.77 16.58
CA PRO A 390 26.36 15.91 16.26
C PRO A 390 25.78 15.78 14.86
N ILE A 391 24.50 16.11 14.73
CA ILE A 391 23.81 15.98 13.46
C ILE A 391 24.17 17.16 12.57
N SER A 392 24.40 16.87 11.30
CA SER A 392 24.80 17.89 10.33
C SER A 392 23.65 18.21 9.38
N VAL A 393 23.80 19.33 8.68
CA VAL A 393 22.76 19.80 7.78
C VAL A 393 22.57 18.83 6.61
N GLU A 394 23.67 18.32 6.07
CA GLU A 394 23.56 17.46 4.89
C GLU A 394 22.78 16.19 5.19
N GLU A 395 23.03 15.58 6.34
CA GLU A 395 22.34 14.33 6.67
C GLU A 395 20.85 14.57 6.90
N ILE A 396 20.49 15.66 7.57
CA ILE A 396 19.09 15.95 7.79
C ILE A 396 18.40 16.23 6.46
N LYS A 397 19.05 16.99 5.57
CA LYS A 397 18.47 17.22 4.25
C LYS A 397 18.27 15.90 3.51
N ALA A 398 19.26 15.01 3.57
CA ALA A 398 19.11 13.69 2.98
C ALA A 398 18.09 12.85 3.72
N SER A 399 17.70 13.24 4.93
CA SER A 399 16.71 12.50 5.71
C SER A 399 15.32 12.87 5.22
N ARG A 400 14.69 11.94 4.52
CA ARG A 400 13.36 12.19 3.97
C ARG A 400 12.32 12.22 5.09
N PHE A 401 11.20 12.88 4.81
CA PHE A 401 10.12 12.99 5.77
C PHE A 401 8.79 13.06 5.05
N ASP A 402 7.84 12.23 5.47
CA ASP A 402 6.50 12.20 4.88
C ASP A 402 5.67 13.27 5.56
N TRP A 403 5.76 14.50 5.06
CA TRP A 403 5.11 15.62 5.71
C TRP A 403 3.60 15.49 5.75
N ARG A 404 3.02 14.62 4.92
CA ARG A 404 1.58 14.36 4.96
C ARG A 404 1.24 13.51 6.19
N THR A 405 1.44 14.11 7.36
CA THR A 405 1.27 13.42 8.63
C THR A 405 0.49 14.30 9.59
N SER A 406 -0.20 13.65 10.52
CA SER A 406 -0.99 14.37 11.51
C SER A 406 -0.11 14.82 12.67
N PRO A 407 -0.39 15.97 13.28
CA PRO A 407 0.36 16.39 14.46
C PRO A 407 -0.08 15.63 15.70
N GLY A 408 0.76 15.72 16.73
CA GLY A 408 0.49 15.07 17.99
C GLY A 408 -0.23 16.00 18.95
N PRO A 409 -0.29 15.60 20.22
CA PRO A 409 -0.97 16.46 21.20
C PRO A 409 -0.33 17.82 21.35
N ASP A 410 0.93 17.97 20.93
CA ASP A 410 1.59 19.26 21.00
C ASP A 410 0.77 20.33 20.28
N GLY A 411 0.20 19.99 19.13
CA GLY A 411 -0.50 20.95 18.30
C GLY A 411 0.34 21.60 17.23
N ILE A 412 1.61 21.23 17.11
CA ILE A 412 2.48 21.81 16.10
C ILE A 412 2.23 21.06 14.79
N ARG A 413 1.63 21.76 13.81
CA ARG A 413 1.37 21.15 12.52
C ARG A 413 2.65 21.06 11.71
N SER A 414 2.66 20.13 10.75
CA SER A 414 3.85 19.92 9.93
C SER A 414 4.21 21.14 9.10
N GLY A 415 3.25 22.03 8.83
CA GLY A 415 3.56 23.18 8.01
C GLY A 415 4.59 24.10 8.63
N GLN A 416 4.38 24.47 9.90
CA GLN A 416 5.33 25.36 10.56
C GLN A 416 6.68 24.68 10.71
N TRP A 417 6.68 23.39 11.03
CA TRP A 417 7.95 22.67 11.14
C TRP A 417 8.69 22.70 9.81
N ARG A 418 7.97 22.52 8.71
CA ARG A 418 8.59 22.68 7.39
C ARG A 418 9.16 24.08 7.23
N ALA A 419 8.41 25.09 7.66
CA ALA A 419 8.85 26.46 7.49
C ALA A 419 10.16 26.76 8.20
N VAL A 420 10.47 26.05 9.28
CA VAL A 420 11.69 26.32 10.03
C VAL A 420 12.90 26.00 9.14
N PRO A 421 13.91 26.87 9.07
CA PRO A 421 15.08 26.54 8.26
C PRO A 421 15.89 25.40 8.86
N VAL A 422 16.62 24.71 7.99
CA VAL A 422 17.28 23.47 8.39
C VAL A 422 18.41 23.73 9.38
N HIS A 423 19.17 24.82 9.22
CA HIS A 423 20.32 25.02 10.09
C HIS A 423 19.88 25.24 11.53
N LEU A 424 18.81 25.99 11.75
CA LEU A 424 18.27 26.13 13.09
C LEU A 424 17.76 24.80 13.61
N LYS A 425 17.15 23.99 12.74
CA LYS A 425 16.73 22.65 13.15
C LYS A 425 17.92 21.88 13.70
N ALA A 426 19.04 21.91 12.97
CA ALA A 426 20.24 21.21 13.43
C ALA A 426 20.75 21.81 14.72
N GLU A 427 20.68 23.13 14.85
CA GLU A 427 21.11 23.77 16.09
C GLU A 427 20.33 23.20 17.29
N MET A 428 19.00 23.19 17.18
CA MET A 428 18.20 22.67 18.28
C MET A 428 18.45 21.18 18.51
N PHE A 429 18.62 20.42 17.43
CA PHE A 429 18.87 18.99 17.57
C PHE A 429 20.17 18.75 18.33
N ASN A 430 21.22 19.49 17.99
CA ASN A 430 22.49 19.34 18.70
C ASN A 430 22.38 19.81 20.14
N ALA A 431 21.59 20.87 20.39
CA ALA A 431 21.36 21.30 21.76
C ALA A 431 20.71 20.18 22.57
N TRP A 432 19.69 19.53 21.99
CA TRP A 432 19.05 18.41 22.67
C TRP A 432 20.04 17.26 22.89
N MET A 433 20.83 16.96 21.87
CA MET A 433 21.84 15.92 21.99
C MET A 433 22.71 16.18 23.21
N ALA A 434 23.24 17.39 23.32
CA ALA A 434 24.07 17.74 24.47
C ALA A 434 23.30 17.61 25.77
N ARG A 435 22.08 18.18 25.81
CA ARG A 435 21.25 18.02 26.99
C ARG A 435 20.85 16.58 27.21
N GLY A 436 20.75 15.80 26.14
CA GLY A 436 20.32 14.43 26.26
C GLY A 436 18.87 14.26 26.65
N GLU A 437 18.01 15.23 26.32
CA GLU A 437 16.59 15.13 26.63
C GLU A 437 15.81 16.05 25.71
N ILE A 438 14.50 15.84 25.69
CA ILE A 438 13.56 16.64 24.92
C ILE A 438 12.76 17.45 25.92
N PRO A 439 12.26 18.64 25.56
CA PRO A 439 11.44 19.40 26.52
C PRO A 439 10.22 18.58 26.94
N GLU A 440 9.85 18.74 28.21
CA GLU A 440 8.88 17.83 28.82
C GLU A 440 7.64 17.68 27.96
N ILE A 441 7.06 18.81 27.55
CA ILE A 441 5.78 18.77 26.84
C ILE A 441 5.89 18.14 25.47
N LEU A 442 7.10 18.03 24.92
CA LEU A 442 7.25 17.52 23.57
C LEU A 442 7.18 16.00 23.49
N ARG A 443 7.26 15.31 24.64
CA ARG A 443 7.18 13.86 24.64
C ARG A 443 5.75 13.35 24.76
N GLN A 444 4.84 14.15 25.28
CA GLN A 444 3.48 13.69 25.49
C GLN A 444 2.88 13.21 24.18
N CYS A 445 2.15 12.10 24.25
CA CYS A 445 1.55 11.50 23.08
C CYS A 445 0.12 11.10 23.41
N ARG A 446 -0.76 11.22 22.42
CA ARG A 446 -2.14 10.78 22.55
C ARG A 446 -2.29 9.42 21.90
N THR A 447 -2.73 8.44 22.69
CA THR A 447 -2.91 7.09 22.17
C THR A 447 -4.15 7.02 21.29
N VAL A 448 -4.04 6.29 20.19
CA VAL A 448 -5.16 6.05 19.29
C VAL A 448 -5.19 4.56 19.00
N PHE A 449 -6.37 4.07 18.64
CA PHE A 449 -6.58 2.65 18.43
C PHE A 449 -6.90 2.38 16.96
N VAL A 450 -6.34 1.30 16.44
CA VAL A 450 -6.53 0.91 15.05
C VAL A 450 -6.88 -0.58 15.02
N PRO A 451 -7.88 -1.01 14.26
CA PRO A 451 -8.26 -2.42 14.31
C PRO A 451 -7.32 -3.30 13.51
N LYS A 452 -6.93 -4.42 14.12
CA LYS A 452 -6.21 -5.45 13.37
C LYS A 452 -7.12 -6.13 12.36
N VAL A 453 -8.39 -6.28 12.71
CA VAL A 453 -9.37 -6.95 11.86
C VAL A 453 -10.48 -5.97 11.52
N GLU A 454 -10.95 -6.04 10.27
CA GLU A 454 -11.95 -5.09 9.80
C GLU A 454 -13.21 -5.10 10.66
N ARG A 455 -13.50 -6.22 11.33
CA ARG A 455 -14.71 -6.39 12.12
C ARG A 455 -14.30 -6.78 13.54
N PRO A 456 -13.83 -5.83 14.34
CA PRO A 456 -13.41 -6.17 15.70
C PRO A 456 -14.56 -6.74 16.51
N GLY A 457 -14.27 -7.78 17.28
CA GLY A 457 -15.26 -8.40 18.14
C GLY A 457 -15.12 -7.98 19.58
N GLY A 458 -14.07 -7.23 19.90
CA GLY A 458 -13.84 -6.77 21.24
C GLY A 458 -12.75 -5.74 21.31
N PRO A 459 -12.58 -5.13 22.49
CA PRO A 459 -11.58 -4.06 22.63
C PRO A 459 -10.15 -4.54 22.44
N GLY A 460 -9.90 -5.84 22.54
CA GLY A 460 -8.55 -6.38 22.47
C GLY A 460 -7.97 -6.54 21.08
N GLU A 461 -8.74 -6.25 20.03
CA GLU A 461 -8.29 -6.42 18.67
C GLU A 461 -7.77 -5.13 18.05
N TYR A 462 -7.45 -4.13 18.86
CA TYR A 462 -6.90 -2.88 18.39
C TYR A 462 -5.43 -2.78 18.77
N ARG A 463 -4.72 -1.88 18.10
CA ARG A 463 -3.32 -1.63 18.40
C ARG A 463 -3.16 -0.26 19.02
N PRO A 464 -2.92 -0.15 20.33
CA PRO A 464 -2.89 1.18 20.94
C PRO A 464 -1.69 2.00 20.51
N ILE A 465 -1.73 2.47 19.26
CA ILE A 465 -0.61 3.24 18.76
C ILE A 465 -0.51 4.58 19.49
N SER A 466 0.68 5.15 19.46
CA SER A 466 0.95 6.44 20.07
C SER A 466 1.50 7.39 19.01
N ILE A 467 0.98 8.61 19.00
CA ILE A 467 1.40 9.64 18.06
C ILE A 467 2.17 10.69 18.85
N ALA A 468 3.49 10.65 18.76
CA ALA A 468 4.32 11.64 19.43
C ALA A 468 4.33 12.93 18.64
N SER A 469 4.92 13.97 19.23
CA SER A 469 4.97 15.26 18.58
C SER A 469 5.75 15.19 17.28
N ILE A 470 5.40 16.08 16.34
CA ILE A 470 6.07 16.09 15.04
C ILE A 470 7.57 16.33 15.18
N PRO A 471 8.04 17.36 15.89
CA PRO A 471 9.49 17.55 16.00
C PRO A 471 10.19 16.36 16.61
N LEU A 472 9.58 15.69 17.59
CA LEU A 472 10.21 14.51 18.18
C LEU A 472 10.32 13.39 17.16
N ARG A 473 9.28 13.17 16.35
CA ARG A 473 9.37 12.15 15.32
C ARG A 473 10.46 12.48 14.30
N HIS A 474 10.53 13.75 13.90
CA HIS A 474 11.58 14.15 12.96
C HIS A 474 12.96 13.92 13.56
N PHE A 475 13.15 14.29 14.82
CA PHE A 475 14.43 14.10 15.48
C PHE A 475 14.79 12.62 15.58
N HIS A 476 13.81 11.77 15.91
CA HIS A 476 14.08 10.36 16.08
C HIS A 476 14.28 9.64 14.77
N SER A 477 13.78 10.18 13.65
CA SER A 477 14.03 9.54 12.37
C SER A 477 15.53 9.50 12.05
N ILE A 478 16.24 10.58 12.40
CA ILE A 478 17.68 10.63 12.13
C ILE A 478 18.39 9.51 12.88
N LEU A 479 18.07 9.36 14.17
CA LEU A 479 18.71 8.30 14.94
C LEU A 479 18.28 6.93 14.45
N ALA A 480 17.03 6.78 14.02
CA ALA A 480 16.59 5.50 13.46
C ALA A 480 17.46 5.12 12.27
N ARG A 481 17.68 6.07 11.36
CA ARG A 481 18.52 5.80 10.20
C ARG A 481 19.95 5.51 10.62
N ARG A 482 20.49 6.29 11.55
CA ARG A 482 21.87 6.08 11.99
C ARG A 482 22.04 4.69 12.56
N LEU A 483 21.12 4.26 13.42
CA LEU A 483 21.22 2.95 14.04
C LEU A 483 20.96 1.84 13.03
N LEU A 484 20.11 2.09 12.04
CA LEU A 484 19.92 1.12 10.98
C LEU A 484 21.21 0.89 10.21
N ALA A 485 21.92 1.98 9.90
CA ALA A 485 23.18 1.84 9.17
C ALA A 485 24.27 1.25 10.06
N CYS A 486 24.23 1.51 11.36
CA CYS A 486 25.34 1.12 12.24
C CYS A 486 25.36 -0.39 12.45
N CYS A 487 24.31 -0.93 13.07
CA CYS A 487 24.27 -2.34 13.46
C CYS A 487 23.11 -3.04 12.76
N PRO A 488 23.35 -3.70 11.61
CA PRO A 488 22.25 -4.37 10.92
C PRO A 488 21.76 -5.56 11.72
N PRO A 489 20.50 -5.98 11.51
CA PRO A 489 19.96 -7.10 12.28
C PRO A 489 20.40 -8.46 11.74
N ASP A 490 19.84 -9.53 12.29
CA ASP A 490 20.17 -10.88 11.83
C ASP A 490 19.78 -11.07 10.37
N ALA A 491 20.42 -12.05 9.74
CA ALA A 491 20.05 -12.42 8.38
C ALA A 491 18.59 -12.86 8.31
N ARG A 492 18.16 -13.68 9.28
CA ARG A 492 16.78 -14.13 9.30
C ARG A 492 15.81 -12.98 9.59
N GLN A 493 16.29 -11.90 10.18
CA GLN A 493 15.45 -10.74 10.42
C GLN A 493 15.28 -9.97 9.12
N ARG A 494 14.05 -9.95 8.61
CA ARG A 494 13.74 -9.27 7.35
C ARG A 494 12.47 -8.45 7.52
N GLY A 495 12.42 -7.67 8.60
CA GLY A 495 11.25 -6.85 8.88
C GLY A 495 11.41 -5.46 8.33
N PHE A 496 11.71 -4.50 9.20
CA PHE A 496 11.90 -3.11 8.78
C PHE A 496 13.37 -2.89 8.40
N ILE A 497 13.67 -3.24 7.15
CA ILE A 497 14.97 -3.05 6.53
C ILE A 497 14.76 -2.53 5.12
N CYS A 498 15.86 -2.39 4.37
CA CYS A 498 15.81 -1.88 3.01
C CYS A 498 15.46 -2.99 2.02
N ALA A 499 14.35 -3.67 2.31
CA ALA A 499 13.87 -4.75 1.45
C ALA A 499 12.42 -5.03 1.79
N ASP A 500 11.71 -5.64 0.84
CA ASP A 500 10.30 -5.97 1.02
C ASP A 500 10.19 -7.25 1.82
N GLY A 501 10.20 -7.11 3.14
CA GLY A 501 10.17 -8.30 3.99
C GLY A 501 8.93 -9.15 3.78
N THR A 502 7.78 -8.51 3.60
CA THR A 502 6.55 -9.26 3.44
C THR A 502 6.64 -10.19 2.23
N LEU A 503 7.12 -9.68 1.11
CA LEU A 503 7.20 -10.48 -0.11
C LEU A 503 8.13 -11.67 0.09
N GLU A 504 9.33 -11.41 0.60
CA GLU A 504 10.29 -12.48 0.77
C GLU A 504 9.75 -13.55 1.72
N ASN A 505 9.16 -13.12 2.83
CA ASN A 505 8.66 -14.07 3.82
C ASN A 505 7.52 -14.90 3.24
N SER A 506 6.57 -14.26 2.56
CA SER A 506 5.45 -14.99 1.98
C SER A 506 5.93 -15.98 0.92
N ALA A 507 6.85 -15.53 0.06
CA ALA A 507 7.37 -16.43 -0.97
C ALA A 507 8.12 -17.59 -0.35
N VAL A 508 8.91 -17.32 0.69
CA VAL A 508 9.68 -18.40 1.32
C VAL A 508 8.75 -19.40 1.96
N LEU A 509 7.72 -18.93 2.66
CA LEU A 509 6.77 -19.85 3.28
C LEU A 509 6.06 -20.68 2.23
N ASP A 510 5.63 -20.05 1.13
CA ASP A 510 4.97 -20.79 0.06
C ASP A 510 5.91 -21.83 -0.53
N ALA A 511 7.18 -21.46 -0.75
CA ALA A 511 8.13 -22.40 -1.32
C ALA A 511 8.36 -23.57 -0.38
N VAL A 512 8.45 -23.31 0.92
CA VAL A 512 8.66 -24.38 1.88
C VAL A 512 7.48 -25.34 1.86
N LEU A 513 6.26 -24.79 1.88
CA LEU A 513 5.09 -25.65 1.86
C LEU A 513 5.03 -26.46 0.58
N GLY A 514 5.31 -25.83 -0.55
CA GLY A 514 5.29 -26.56 -1.81
C GLY A 514 6.31 -27.66 -1.85
N ASP A 515 7.53 -27.40 -1.37
CA ASP A 515 8.55 -28.44 -1.34
C ASP A 515 8.12 -29.59 -0.46
N SER A 516 7.59 -29.29 0.73
CA SER A 516 7.17 -30.35 1.64
C SER A 516 6.08 -31.20 1.02
N ARG A 517 5.09 -30.56 0.37
CA ARG A 517 4.04 -31.33 -0.29
C ARG A 517 4.61 -32.15 -1.43
N LYS A 518 5.58 -31.62 -2.16
CA LYS A 518 6.05 -32.28 -3.37
C LYS A 518 6.88 -33.51 -3.04
N LYS A 519 7.80 -33.41 -2.08
CA LYS A 519 8.67 -34.53 -1.74
C LYS A 519 8.29 -35.19 -0.42
N LEU A 520 7.17 -34.82 0.18
CA LEU A 520 6.66 -35.50 1.37
C LEU A 520 7.71 -35.54 2.47
N ARG A 521 8.09 -34.36 2.95
CA ARG A 521 9.07 -34.21 4.01
C ARG A 521 8.43 -33.50 5.19
N GLU A 522 8.72 -33.99 6.39
CA GLU A 522 8.16 -33.38 7.60
C GLU A 522 8.47 -31.90 7.63
N CYS A 523 7.49 -31.10 8.05
CA CYS A 523 7.73 -29.67 8.20
C CYS A 523 6.68 -29.12 9.15
N HIS A 524 7.10 -28.72 10.35
CA HIS A 524 6.22 -28.12 11.34
C HIS A 524 6.42 -26.61 11.29
N VAL A 525 5.39 -25.89 10.84
CA VAL A 525 5.43 -24.43 10.78
C VAL A 525 4.53 -23.91 11.89
N ALA A 526 5.10 -23.09 12.77
CA ALA A 526 4.36 -22.49 13.87
C ALA A 526 4.37 -20.98 13.67
N VAL A 527 3.19 -20.42 13.40
CA VAL A 527 3.06 -18.97 13.36
C VAL A 527 2.85 -18.49 14.79
N LEU A 528 3.70 -17.56 15.23
CA LEU A 528 3.69 -17.07 16.59
C LEU A 528 3.48 -15.57 16.58
N ASP A 529 2.60 -15.09 17.44
CA ASP A 529 2.40 -13.66 17.64
C ASP A 529 2.39 -13.36 19.12
N PHE A 530 2.82 -12.14 19.45
CA PHE A 530 2.93 -11.69 20.83
C PHE A 530 1.88 -10.60 21.06
N ALA A 531 0.84 -10.95 21.81
CA ALA A 531 -0.22 -10.00 22.10
C ALA A 531 0.34 -8.83 22.88
N LYS A 532 -0.14 -7.63 22.56
CA LYS A 532 0.39 -6.41 23.14
C LYS A 532 1.89 -6.37 22.91
N ALA A 533 2.27 -6.82 21.71
CA ALA A 533 3.67 -7.08 21.37
C ALA A 533 4.58 -5.94 21.82
N PHE A 534 4.38 -4.75 21.25
CA PHE A 534 5.24 -3.63 21.61
C PHE A 534 4.98 -3.18 23.04
N ASP A 535 3.83 -3.52 23.60
CA ASP A 535 3.42 -3.04 24.91
C ASP A 535 3.58 -4.11 25.99
N THR A 536 4.66 -4.87 25.94
CA THR A 536 4.90 -5.89 26.95
C THR A 536 6.39 -6.07 27.25
N VAL A 537 7.24 -5.12 26.89
CA VAL A 537 8.68 -5.25 27.03
C VAL A 537 9.13 -4.44 28.24
N SER A 538 9.92 -5.07 29.11
CA SER A 538 10.41 -4.39 30.30
C SER A 538 11.33 -3.25 29.92
N HIS A 539 11.22 -2.15 30.65
CA HIS A 539 12.13 -1.03 30.45
C HIS A 539 13.54 -1.40 30.90
N GLU A 540 13.67 -1.98 32.09
CA GLU A 540 15.00 -2.31 32.61
C GLU A 540 15.69 -3.33 31.73
N ALA A 541 14.95 -4.36 31.29
CA ALA A 541 15.55 -5.34 30.38
C ALA A 541 16.01 -4.68 29.10
N LEU A 542 15.18 -3.80 28.53
CA LEU A 542 15.55 -3.13 27.29
C LEU A 542 16.83 -2.32 27.48
N VAL A 543 16.88 -1.47 28.50
CA VAL A 543 18.03 -0.59 28.65
C VAL A 543 19.28 -1.40 28.96
N GLU A 544 19.17 -2.40 29.84
CA GLU A 544 20.37 -3.16 30.17
C GLU A 544 20.88 -3.92 28.95
N LEU A 545 19.97 -4.48 28.16
CA LEU A 545 20.40 -5.17 26.95
C LEU A 545 21.08 -4.21 25.98
N LEU A 546 20.52 -3.01 25.83
CA LEU A 546 21.17 -2.00 25.01
C LEU A 546 22.58 -1.72 25.53
N ARG A 547 22.73 -1.66 26.86
CA ARG A 547 24.05 -1.42 27.44
C ARG A 547 25.01 -2.54 27.07
N LEU A 548 24.61 -3.79 27.31
CA LEU A 548 25.49 -4.91 27.01
C LEU A 548 25.69 -5.10 25.51
N ARG A 549 24.70 -4.76 24.70
CA ARG A 549 24.83 -4.99 23.26
C ARG A 549 25.97 -4.19 22.66
N GLY A 550 26.13 -2.92 23.03
CA GLY A 550 27.27 -2.16 22.58
C GLY A 550 27.04 -0.71 22.23
N MET A 551 25.80 -0.23 22.32
CA MET A 551 25.56 1.18 22.06
C MET A 551 26.22 2.04 23.15
N PRO A 552 26.53 3.29 22.82
CA PRO A 552 27.25 4.14 23.78
C PRO A 552 26.41 4.43 25.01
N GLU A 553 27.11 4.64 26.12
CA GLU A 553 26.42 4.91 27.38
C GLU A 553 25.49 6.11 27.27
N GLN A 554 25.86 7.11 26.47
CA GLN A 554 25.00 8.28 26.32
C GLN A 554 23.64 7.89 25.76
N PHE A 555 23.64 7.06 24.72
CA PHE A 555 22.37 6.68 24.09
C PHE A 555 21.52 5.85 25.04
N CYS A 556 22.13 4.89 25.73
CA CYS A 556 21.37 4.08 26.68
C CYS A 556 20.78 4.94 27.78
N GLY A 557 21.57 5.88 28.31
CA GLY A 557 21.06 6.79 29.32
C GLY A 557 19.94 7.66 28.82
N TYR A 558 20.03 8.13 27.58
CA TYR A 558 18.95 8.93 27.01
C TYR A 558 17.67 8.12 26.93
N ILE A 559 17.77 6.87 26.46
CA ILE A 559 16.59 6.02 26.37
C ILE A 559 15.99 5.79 27.74
N ALA A 560 16.84 5.48 28.72
CA ALA A 560 16.35 5.23 30.07
C ALA A 560 15.64 6.45 30.62
N HIS A 561 16.25 7.62 30.48
CA HIS A 561 15.64 8.83 31.01
C HIS A 561 14.33 9.13 30.30
N LEU A 562 14.29 8.94 28.99
CA LEU A 562 13.07 9.22 28.24
C LEU A 562 11.93 8.32 28.71
N TYR A 563 12.22 7.04 28.90
CA TYR A 563 11.16 6.12 29.27
C TYR A 563 10.85 6.10 30.76
N ASP A 564 11.72 6.69 31.59
CA ASP A 564 11.43 6.74 33.01
C ASP A 564 10.33 7.75 33.30
N THR A 565 10.42 8.94 32.70
CA THR A 565 9.46 10.02 32.95
C THR A 565 8.44 10.16 31.85
N ALA A 566 8.39 9.22 30.91
CA ALA A 566 7.40 9.28 29.84
C ALA A 566 5.99 9.13 30.41
N SER A 567 5.05 9.87 29.81
CA SER A 567 3.65 9.77 30.18
C SER A 567 2.82 10.00 28.92
N THR A 568 1.59 9.50 28.95
CA THR A 568 0.74 9.50 27.77
C THR A 568 -0.69 9.85 28.14
N THR A 569 -1.44 10.25 27.13
CA THR A 569 -2.87 10.48 27.23
C THR A 569 -3.58 9.58 26.23
N LEU A 570 -4.80 9.17 26.57
CA LEU A 570 -5.59 8.30 25.73
C LEU A 570 -6.85 9.04 25.31
N ALA A 571 -7.19 8.89 24.03
CA ALA A 571 -8.32 9.59 23.50
C ALA A 571 -8.93 8.89 22.32
N VAL A 572 -10.09 8.28 22.50
CA VAL A 572 -10.79 7.70 21.36
C VAL A 572 -11.90 8.67 21.03
N ASN A 573 -12.26 8.74 19.76
CA ASN A 573 -13.28 9.69 19.30
C ASN A 573 -12.94 11.08 19.74
N ASN A 574 -13.53 11.53 20.83
CA ASN A 574 -13.16 12.84 21.34
C ASN A 574 -13.22 12.79 22.85
N GLU A 575 -12.19 12.23 23.47
CA GLU A 575 -12.20 12.07 24.90
C GLU A 575 -10.83 12.17 25.50
N MET A 576 -10.44 13.37 25.88
CA MET A 576 -9.17 13.51 26.56
C MET A 576 -9.26 12.77 27.88
N SER A 577 -8.95 11.49 27.89
CA SER A 577 -9.07 10.65 29.08
C SER A 577 -8.03 11.06 30.11
N SER A 578 -7.98 10.32 31.21
CA SER A 578 -7.00 10.59 32.25
C SER A 578 -5.60 10.22 31.75
N PRO A 579 -4.59 11.05 32.00
CA PRO A 579 -3.23 10.66 31.62
C PRO A 579 -2.80 9.39 32.33
N VAL A 580 -1.94 8.63 31.67
CA VAL A 580 -1.50 7.33 32.15
C VAL A 580 0.03 7.31 32.17
N LYS A 581 0.59 6.77 33.25
CA LYS A 581 2.02 6.52 33.34
C LYS A 581 2.30 5.09 32.88
N VAL A 582 3.20 4.94 31.93
CA VAL A 582 3.42 3.66 31.25
C VAL A 582 4.51 2.88 31.95
N GLY A 583 4.22 1.62 32.26
CA GLY A 583 5.19 0.73 32.89
C GLY A 583 5.91 -0.19 31.95
N ARG A 584 5.50 -0.26 30.68
CA ARG A 584 6.17 -1.07 29.67
C ARG A 584 6.41 -0.21 28.44
N GLY A 585 7.62 -0.26 27.92
CA GLY A 585 8.06 0.67 26.90
C GLY A 585 7.79 0.20 25.48
N VAL A 586 8.62 0.71 24.56
CA VAL A 586 8.46 0.46 23.14
C VAL A 586 7.18 1.14 22.68
N ARG A 587 7.31 2.37 22.20
CA ARG A 587 6.19 3.22 21.84
C ARG A 587 5.88 3.04 20.36
N GLN A 588 4.78 2.37 20.06
CA GLN A 588 4.40 2.20 18.65
C GLN A 588 4.19 3.55 18.00
N GLY A 589 4.68 3.71 16.78
CA GLY A 589 4.60 4.94 16.04
C GLY A 589 5.86 5.78 16.08
N ASP A 590 6.74 5.54 17.05
CA ASP A 590 8.02 6.24 17.07
C ASP A 590 8.97 5.64 16.04
N PRO A 591 9.82 6.47 15.41
CA PRO A 591 10.78 5.89 14.45
C PRO A 591 11.73 4.89 15.08
N LEU A 592 12.14 5.08 16.33
CA LEU A 592 13.12 4.20 16.94
C LEU A 592 12.52 2.89 17.42
N SER A 593 11.26 2.88 17.82
CA SER A 593 10.68 1.69 18.45
C SER A 593 10.85 0.43 17.61
N PRO A 594 10.52 0.42 16.32
CA PRO A 594 10.69 -0.83 15.55
C PRO A 594 12.13 -1.24 15.40
N ILE A 595 13.08 -0.31 15.58
CA ILE A 595 14.49 -0.65 15.53
C ILE A 595 15.01 -1.06 16.90
N LEU A 596 14.58 -0.37 17.96
CA LEU A 596 14.99 -0.77 19.30
C LEU A 596 14.50 -2.17 19.62
N PHE A 597 13.25 -2.46 19.31
CA PHE A 597 12.75 -3.81 19.53
C PHE A 597 13.50 -4.83 18.68
N ASN A 598 14.14 -4.40 17.60
CA ASN A 598 14.93 -5.33 16.80
C ASN A 598 16.07 -5.92 17.60
N VAL A 599 16.53 -5.26 18.66
CA VAL A 599 17.56 -5.85 19.52
C VAL A 599 17.00 -7.07 20.24
N VAL A 600 15.81 -6.95 20.81
CA VAL A 600 15.18 -8.10 21.45
C VAL A 600 14.90 -9.18 20.41
N MET A 601 14.51 -8.77 19.21
CA MET A 601 14.30 -9.74 18.14
C MET A 601 15.59 -10.51 17.86
N ASP A 602 16.72 -9.80 17.80
CA ASP A 602 18.00 -10.45 17.60
C ASP A 602 18.31 -11.42 18.72
N LEU A 603 18.10 -10.98 19.97
CA LEU A 603 18.40 -11.85 21.10
C LEU A 603 17.61 -13.14 21.03
N ILE A 604 16.30 -13.04 20.81
CA ILE A 604 15.50 -14.26 20.76
C ILE A 604 15.88 -15.09 19.53
N LEU A 605 16.18 -14.46 18.40
CA LEU A 605 16.58 -15.20 17.22
C LEU A 605 17.88 -15.94 17.45
N ALA A 606 18.74 -15.45 18.35
CA ALA A 606 20.00 -16.12 18.63
C ALA A 606 19.83 -17.26 19.62
N SER A 607 18.64 -17.46 20.16
CA SER A 607 18.43 -18.45 21.20
C SER A 607 17.97 -19.80 20.68
N LEU A 608 17.44 -19.87 19.46
CA LEU A 608 16.99 -21.13 18.93
C LEU A 608 18.19 -22.06 18.69
N PRO A 609 17.98 -23.38 18.75
CA PRO A 609 19.10 -24.30 18.56
C PRO A 609 19.72 -24.13 17.18
N GLU A 610 21.03 -24.38 17.11
CA GLU A 610 21.78 -24.06 15.91
C GLU A 610 21.33 -24.90 14.72
N ARG A 611 20.83 -26.10 14.95
CA ARG A 611 20.60 -27.07 13.88
C ARG A 611 19.14 -27.52 13.87
N VAL A 612 18.23 -26.56 13.90
CA VAL A 612 16.81 -26.81 13.67
C VAL A 612 16.35 -25.92 12.52
N GLY A 613 15.65 -26.51 11.58
CA GLY A 613 15.13 -25.77 10.46
C GLY A 613 14.73 -26.70 9.34
N TYR A 614 14.54 -26.12 8.16
CA TYR A 614 14.19 -26.87 6.96
C TYR A 614 15.31 -26.75 5.94
N ARG A 615 15.73 -27.89 5.40
CA ARG A 615 16.78 -27.93 4.38
C ARG A 615 16.12 -27.74 3.03
N LEU A 616 15.81 -26.47 2.72
CA LEU A 616 15.19 -26.11 1.45
C LEU A 616 16.31 -25.86 0.45
N GLU A 617 16.48 -26.80 -0.49
CA GLU A 617 17.53 -26.72 -1.50
C GLU A 617 18.88 -26.47 -0.84
N MET A 618 19.21 -27.36 0.08
CA MET A 618 20.51 -27.37 0.75
C MET A 618 20.70 -26.16 1.65
N GLU A 619 19.66 -25.36 1.87
CA GLU A 619 19.73 -24.18 2.73
C GLU A 619 18.87 -24.41 3.96
N LEU A 620 19.44 -24.16 5.13
CA LEU A 620 18.76 -24.36 6.40
C LEU A 620 18.02 -23.07 6.75
N VAL A 621 16.70 -23.13 6.77
CA VAL A 621 15.85 -22.00 7.14
C VAL A 621 15.14 -22.37 8.44
N SER A 622 15.22 -21.48 9.43
CA SER A 622 14.67 -21.76 10.76
C SER A 622 13.57 -20.80 11.15
N ALA A 623 13.80 -19.49 11.08
CA ALA A 623 12.85 -18.50 11.55
C ALA A 623 12.66 -17.42 10.51
N LEU A 624 11.42 -16.98 10.34
CA LEU A 624 11.07 -15.89 9.43
C LEU A 624 10.39 -14.82 10.25
N ALA A 625 11.11 -13.75 10.54
CA ALA A 625 10.65 -12.70 11.45
C ALA A 625 10.27 -11.46 10.66
N TYR A 626 9.09 -10.92 10.96
CA TYR A 626 8.66 -9.63 10.43
C TYR A 626 8.10 -8.83 11.59
N ALA A 627 8.82 -7.79 12.01
CA ALA A 627 8.45 -7.05 13.22
C ALA A 627 8.37 -8.02 14.38
N TYR A 628 7.16 -8.24 14.92
CA TYR A 628 6.97 -9.24 15.97
C TYR A 628 6.55 -10.60 15.43
N ASP A 629 5.83 -10.63 14.31
CA ASP A 629 5.29 -11.89 13.81
C ASP A 629 6.40 -12.88 13.52
N LEU A 630 6.49 -13.93 14.32
CA LEU A 630 7.54 -14.93 14.21
C LEU A 630 6.96 -16.21 13.63
N VAL A 631 7.71 -16.83 12.72
CA VAL A 631 7.33 -18.12 12.15
C VAL A 631 8.50 -19.06 12.36
N LEU A 632 8.32 -20.06 13.19
CA LEU A 632 9.36 -21.04 13.47
C LEU A 632 9.14 -22.28 12.62
N LEU A 633 10.21 -22.77 12.02
CA LEU A 633 10.17 -23.96 11.19
C LEU A 633 11.06 -25.02 11.79
N ALA A 634 10.66 -26.28 11.62
CA ALA A 634 11.44 -27.39 12.17
C ALA A 634 11.10 -28.65 11.40
N GLY A 635 11.99 -29.62 11.47
CA GLY A 635 11.81 -30.86 10.76
C GLY A 635 11.39 -32.02 11.65
N SER A 636 11.37 -31.80 12.97
CA SER A 636 11.04 -32.86 13.91
C SER A 636 10.18 -32.31 15.03
N LYS A 637 9.30 -33.18 15.55
CA LYS A 637 8.42 -32.77 16.64
C LYS A 637 9.24 -32.31 17.84
N VAL A 638 10.25 -33.09 18.22
CA VAL A 638 11.07 -32.71 19.37
C VAL A 638 11.78 -31.40 19.09
N GLY A 639 12.29 -31.22 17.87
CA GLY A 639 12.95 -29.98 17.53
C GLY A 639 12.01 -28.79 17.65
N MET A 640 10.79 -28.92 17.11
CA MET A 640 9.85 -27.83 17.17
C MET A 640 9.46 -27.52 18.61
N GLN A 641 9.24 -28.55 19.43
CA GLN A 641 8.89 -28.33 20.82
C GLN A 641 10.01 -27.62 21.56
N GLU A 642 11.26 -28.05 21.32
CA GLU A 642 12.40 -27.39 21.95
C GLU A 642 12.49 -25.94 21.53
N SER A 643 12.28 -25.66 20.24
CA SER A 643 12.35 -24.29 19.76
C SER A 643 11.27 -23.43 20.42
N ILE A 644 10.05 -23.98 20.52
CA ILE A 644 8.97 -23.24 21.15
C ILE A 644 9.32 -22.92 22.60
N SER A 645 9.82 -23.92 23.32
CA SER A 645 10.17 -23.71 24.72
C SER A 645 11.29 -22.66 24.84
N ALA A 646 12.27 -22.73 23.96
CA ALA A 646 13.38 -21.77 24.01
C ALA A 646 12.88 -20.35 23.81
N VAL A 647 12.07 -20.13 22.78
CA VAL A 647 11.56 -18.79 22.53
C VAL A 647 10.68 -18.34 23.69
N ASP A 648 9.90 -19.26 24.26
CA ASP A 648 9.04 -18.89 25.39
C ASP A 648 9.87 -18.42 26.57
N CYS A 649 10.90 -19.19 26.95
CA CYS A 649 11.66 -18.84 28.14
C CYS A 649 12.45 -17.56 27.92
N VAL A 650 13.04 -17.39 26.72
CA VAL A 650 13.79 -16.16 26.49
C VAL A 650 12.85 -14.96 26.47
N GLY A 651 11.65 -15.10 25.90
CA GLY A 651 10.71 -14.00 25.96
C GLY A 651 10.29 -13.68 27.39
N ARG A 652 10.04 -14.71 28.19
CA ARG A 652 9.69 -14.48 29.59
C ARG A 652 10.80 -13.75 30.32
N GLN A 653 12.05 -14.14 30.07
CA GLN A 653 13.18 -13.41 30.64
C GLN A 653 13.18 -11.97 30.17
N MET A 654 12.87 -11.73 28.90
CA MET A 654 12.75 -10.39 28.37
C MET A 654 11.48 -9.69 28.84
N GLY A 655 10.52 -10.43 29.38
CA GLY A 655 9.26 -9.88 29.82
C GLY A 655 8.10 -10.09 28.86
N LEU A 656 8.38 -10.45 27.62
CA LEU A 656 7.32 -10.67 26.65
C LEU A 656 6.47 -11.88 27.06
N ARG A 657 5.21 -11.85 26.66
CA ARG A 657 4.28 -12.95 26.91
C ARG A 657 3.70 -13.41 25.58
N LEU A 658 3.60 -14.73 25.40
CA LEU A 658 3.14 -15.29 24.14
C LEU A 658 1.61 -15.36 24.12
N ASN A 659 1.04 -15.01 22.97
CA ASN A 659 -0.41 -15.08 22.78
C ASN A 659 -0.80 -16.49 22.37
N CYS A 660 -1.81 -17.05 23.04
CA CYS A 660 -2.37 -18.33 22.65
C CYS A 660 -3.56 -18.19 21.73
N ARG A 661 -4.05 -16.98 21.49
CA ARG A 661 -5.22 -16.79 20.63
C ARG A 661 -4.91 -17.10 19.18
N LYS A 662 -3.82 -16.54 18.66
CA LYS A 662 -3.46 -16.70 17.26
C LYS A 662 -2.38 -17.74 17.03
N SER A 663 -1.51 -17.97 18.01
CA SER A 663 -0.43 -18.93 17.81
C SER A 663 -0.99 -20.29 17.43
N ALA A 664 -0.39 -20.89 16.40
CA ALA A 664 -0.81 -22.21 15.94
C ALA A 664 0.37 -22.88 15.27
N VAL A 665 0.30 -24.21 15.19
CA VAL A 665 1.37 -25.02 14.64
C VAL A 665 0.80 -25.84 13.49
N LEU A 666 1.32 -25.61 12.29
CA LEU A 666 0.96 -26.39 11.12
C LEU A 666 1.94 -27.53 10.96
N SER A 667 1.43 -28.75 10.95
CA SER A 667 2.24 -29.95 10.94
C SER A 667 1.87 -30.84 9.78
N MET A 668 2.88 -31.39 9.11
CA MET A 668 2.69 -32.31 8.00
C MET A 668 3.58 -33.52 8.24
N ILE A 669 2.99 -34.70 8.32
CA ILE A 669 3.70 -35.95 8.49
C ILE A 669 3.56 -36.75 7.21
N PRO A 670 4.62 -36.94 6.43
CA PRO A 670 4.50 -37.73 5.21
C PRO A 670 4.19 -39.18 5.54
N ASP A 671 3.55 -39.86 4.61
CA ASP A 671 3.23 -41.27 4.75
C ASP A 671 4.02 -42.04 3.70
N GLY A 672 5.25 -42.41 4.03
CA GLY A 672 6.02 -43.28 3.17
C GLY A 672 5.39 -44.65 3.07
N HIS A 673 5.70 -45.33 1.97
CA HIS A 673 5.11 -46.62 1.66
C HIS A 673 3.66 -46.43 1.21
N ARG A 674 3.19 -45.19 1.22
CA ARG A 674 1.92 -44.83 0.62
C ARG A 674 1.97 -43.49 -0.10
N LYS A 675 3.05 -42.73 0.05
CA LYS A 675 3.26 -41.50 -0.72
C LYS A 675 2.10 -40.53 -0.53
N LYS A 676 1.56 -40.48 0.69
CA LYS A 676 0.41 -39.64 1.00
C LYS A 676 0.81 -38.55 1.97
N HIS A 677 0.43 -37.31 1.65
CA HIS A 677 0.64 -36.20 2.56
C HIS A 677 -0.53 -36.13 3.54
N HIS A 678 -0.20 -35.91 4.81
CA HIS A 678 -1.18 -35.91 5.87
C HIS A 678 -0.83 -34.85 6.89
N TYR A 679 -1.85 -34.29 7.52
CA TYR A 679 -1.68 -33.28 8.56
C TYR A 679 -2.17 -33.83 9.88
N LEU A 680 -1.43 -33.56 10.95
CA LEU A 680 -1.90 -33.92 12.28
C LEU A 680 -3.05 -33.00 12.69
N THR A 681 -3.87 -33.49 13.60
CA THR A 681 -5.00 -32.73 14.12
C THR A 681 -4.92 -32.53 15.63
N GLU A 682 -4.68 -33.61 16.39
CA GLU A 682 -4.67 -33.52 17.83
C GLU A 682 -3.54 -32.62 18.31
N ARG A 683 -3.86 -31.68 19.18
CA ARG A 683 -2.89 -30.72 19.67
C ARG A 683 -1.80 -31.43 20.47
N THR A 684 -0.54 -31.07 20.22
CA THR A 684 0.59 -31.72 20.88
C THR A 684 1.68 -30.76 21.33
N PHE A 685 1.56 -29.46 21.07
CA PHE A 685 2.59 -28.50 21.38
C PHE A 685 2.16 -27.65 22.58
N ASN A 686 3.12 -27.32 23.44
CA ASN A 686 2.84 -26.62 24.68
C ASN A 686 3.77 -25.43 24.83
N ILE A 687 3.19 -24.26 25.08
CA ILE A 687 3.94 -23.06 25.43
C ILE A 687 3.83 -22.92 26.95
N GLY A 688 4.84 -23.38 27.66
CA GLY A 688 4.79 -23.32 29.12
C GLY A 688 3.61 -24.06 29.70
N GLY A 689 3.27 -25.23 29.15
CA GLY A 689 2.18 -26.04 29.65
C GLY A 689 0.84 -25.77 29.00
N LYS A 690 0.71 -24.68 28.25
CA LYS A 690 -0.55 -24.36 27.59
C LYS A 690 -0.57 -24.96 26.19
N PRO A 691 -1.49 -25.88 25.88
CA PRO A 691 -1.51 -26.47 24.54
C PRO A 691 -1.79 -25.43 23.46
N LEU A 692 -1.29 -25.72 22.27
CA LEU A 692 -1.46 -24.87 21.10
C LEU A 692 -2.54 -25.43 20.19
N ARG A 693 -3.06 -24.57 19.32
CA ARG A 693 -4.06 -24.98 18.36
C ARG A 693 -3.37 -25.51 17.11
N GLN A 694 -3.73 -26.73 16.71
CA GLN A 694 -3.13 -27.40 15.56
C GLN A 694 -4.03 -27.18 14.35
N VAL A 695 -3.51 -26.46 13.35
CA VAL A 695 -4.31 -26.11 12.19
C VAL A 695 -4.53 -27.34 11.32
N SER A 696 -5.78 -27.58 10.94
CA SER A 696 -6.13 -28.72 10.11
C SER A 696 -5.89 -28.38 8.64
N CYS A 697 -6.33 -29.27 7.75
CA CYS A 697 -6.01 -29.10 6.33
C CYS A 697 -6.84 -28.00 5.68
N VAL A 698 -8.13 -27.91 6.00
CA VAL A 698 -9.02 -26.96 5.31
C VAL A 698 -8.99 -25.57 5.92
N GLU A 699 -8.43 -25.40 7.11
CA GLU A 699 -8.50 -24.11 7.79
C GLU A 699 -7.74 -23.04 6.99
N ARG A 700 -8.22 -21.80 7.07
CA ARG A 700 -7.55 -20.66 6.49
C ARG A 700 -7.03 -19.77 7.62
N TRP A 701 -5.74 -19.45 7.57
CA TRP A 701 -5.14 -18.52 8.50
C TRP A 701 -4.35 -17.47 7.73
N ARG A 702 -4.36 -16.24 8.26
CA ARG A 702 -3.80 -15.10 7.57
C ARG A 702 -2.42 -14.78 8.13
N TYR A 703 -1.47 -14.54 7.23
CA TYR A 703 -0.10 -14.17 7.59
C TYR A 703 0.24 -12.87 6.88
N LEU A 704 0.65 -11.85 7.63
CA LEU A 704 0.92 -10.53 7.10
C LEU A 704 -0.26 -9.99 6.30
N GLY A 705 -1.46 -10.45 6.64
CA GLY A 705 -2.65 -10.02 5.93
C GLY A 705 -2.96 -10.79 4.67
N VAL A 706 -2.29 -11.92 4.43
CA VAL A 706 -2.55 -12.76 3.27
C VAL A 706 -3.15 -14.06 3.75
N ASP A 707 -4.25 -14.48 3.11
CA ASP A 707 -4.87 -15.74 3.44
C ASP A 707 -3.93 -16.90 3.11
N PHE A 708 -3.79 -17.84 4.03
CA PHE A 708 -3.01 -19.05 3.82
C PHE A 708 -3.83 -20.26 4.20
N GLU A 709 -3.75 -21.29 3.37
CA GLU A 709 -4.34 -22.59 3.66
C GLU A 709 -3.24 -23.57 4.00
N ALA A 710 -3.64 -24.66 4.66
CA ALA A 710 -2.68 -25.69 5.03
C ALA A 710 -1.98 -26.28 3.81
N SER A 711 -2.59 -26.18 2.63
CA SER A 711 -1.99 -26.66 1.40
C SER A 711 -1.23 -25.57 0.65
N GLY A 712 -1.11 -24.39 1.23
CA GLY A 712 -0.48 -23.26 0.58
C GLY A 712 -1.50 -22.24 0.13
N CYS A 713 -0.99 -21.09 -0.30
CA CYS A 713 -1.85 -19.99 -0.75
C CYS A 713 -2.61 -20.42 -2.00
N VAL A 714 -3.91 -20.66 -1.84
CA VAL A 714 -4.73 -21.15 -2.95
C VAL A 714 -5.49 -20.00 -3.58
N THR A 715 -6.26 -19.26 -2.79
CA THR A 715 -7.10 -18.19 -3.32
C THR A 715 -7.41 -17.21 -2.20
N LEU A 716 -7.91 -16.03 -2.60
CA LEU A 716 -8.44 -15.03 -1.69
C LEU A 716 -9.94 -14.93 -1.89
N GLU A 717 -10.69 -14.93 -0.78
CA GLU A 717 -12.14 -14.91 -0.88
C GLU A 717 -12.64 -13.65 -1.58
N HIS A 718 -11.82 -12.60 -1.64
CA HIS A 718 -12.10 -11.42 -2.47
C HIS A 718 -13.54 -10.92 -2.28
N SER A 719 -13.81 -10.49 -1.06
CA SER A 719 -15.12 -9.89 -0.74
C SER A 719 -15.15 -8.48 -1.34
N ILE A 720 -15.13 -8.44 -2.67
CA ILE A 720 -15.12 -7.16 -3.37
C ILE A 720 -16.52 -6.58 -3.50
N SER A 721 -17.54 -7.43 -3.62
CA SER A 721 -18.90 -6.91 -3.73
C SER A 721 -19.26 -6.09 -2.50
N SER A 722 -18.92 -6.60 -1.31
CA SER A 722 -19.21 -5.87 -0.08
C SER A 722 -18.44 -4.56 -0.02
N ALA A 723 -17.16 -4.57 -0.42
CA ALA A 723 -16.39 -3.34 -0.39
C ALA A 723 -16.97 -2.31 -1.34
N LEU A 724 -17.35 -2.73 -2.54
CA LEU A 724 -17.95 -1.80 -3.50
C LEU A 724 -19.26 -1.26 -2.97
N ASN A 725 -20.07 -2.12 -2.34
CA ASN A 725 -21.31 -1.64 -1.75
C ASN A 725 -21.03 -0.59 -0.68
N ASN A 726 -20.04 -0.84 0.18
CA ASN A 726 -19.70 0.14 1.21
C ASN A 726 -19.28 1.46 0.58
N ILE A 727 -18.42 1.40 -0.43
CA ILE A 727 -17.95 2.64 -1.06
C ILE A 727 -19.12 3.37 -1.69
N SER A 728 -20.01 2.63 -2.36
CA SER A 728 -21.13 3.28 -3.04
C SER A 728 -22.10 3.90 -2.06
N ARG A 729 -22.32 3.26 -0.91
CA ARG A 729 -23.29 3.74 0.06
C ARG A 729 -22.78 4.87 0.94
N ALA A 730 -21.47 5.04 1.04
CA ALA A 730 -20.92 6.08 1.89
C ALA A 730 -21.24 7.46 1.30
N PRO A 731 -21.27 8.49 2.13
CA PRO A 731 -21.58 9.85 1.64
C PRO A 731 -20.41 10.52 0.94
N LEU A 732 -20.27 10.26 -0.35
CA LEU A 732 -19.14 10.78 -1.12
C LEU A 732 -19.60 11.16 -2.52
N LYS A 733 -18.91 12.14 -3.09
CA LYS A 733 -19.16 12.52 -4.48
C LYS A 733 -18.53 11.49 -5.41
N PRO A 734 -18.96 11.43 -6.67
CA PRO A 734 -18.47 10.35 -7.54
C PRO A 734 -16.96 10.32 -7.68
N GLN A 735 -16.32 11.49 -7.78
CA GLN A 735 -14.86 11.50 -7.90
C GLN A 735 -14.21 10.95 -6.65
N GLN A 736 -14.82 11.15 -5.49
CA GLN A 736 -14.28 10.59 -4.25
C GLN A 736 -14.27 9.06 -4.31
N ARG A 737 -15.39 8.48 -4.71
CA ARG A 737 -15.44 7.03 -4.84
C ARG A 737 -14.43 6.54 -5.87
N LEU A 738 -14.32 7.24 -7.00
CA LEU A 738 -13.36 6.82 -8.01
C LEU A 738 -11.95 6.86 -7.46
N GLU A 739 -11.59 7.94 -6.76
CA GLU A 739 -10.24 8.06 -6.24
C GLU A 739 -9.94 6.97 -5.22
N ILE A 740 -10.90 6.71 -4.32
CA ILE A 740 -10.69 5.65 -3.34
C ILE A 740 -10.47 4.32 -4.05
N LEU A 741 -11.34 3.98 -4.99
CA LEU A 741 -11.18 2.72 -5.70
C LEU A 741 -9.84 2.68 -6.44
N ARG A 742 -9.34 3.83 -6.87
CA ARG A 742 -8.06 3.86 -7.56
C ARG A 742 -6.91 3.57 -6.62
N ALA A 743 -6.90 4.21 -5.45
CA ALA A 743 -5.68 4.35 -4.67
C ALA A 743 -5.65 3.54 -3.37
N HIS A 744 -6.78 3.04 -2.88
CA HIS A 744 -6.76 2.38 -1.58
C HIS A 744 -7.38 0.99 -1.60
N LEU A 745 -8.44 0.76 -2.38
CA LEU A 745 -9.02 -0.56 -2.41
C LEU A 745 -8.16 -1.52 -3.22
N ILE A 746 -7.89 -1.20 -4.49
CA ILE A 746 -7.14 -2.11 -5.34
C ILE A 746 -5.79 -2.49 -4.73
N PRO A 747 -4.98 -1.55 -4.24
CA PRO A 747 -3.72 -1.95 -3.62
C PRO A 747 -3.90 -2.89 -2.43
N ARG A 748 -4.99 -2.74 -1.69
CA ARG A 748 -5.18 -3.55 -0.49
C ARG A 748 -5.28 -5.04 -0.84
N PHE A 749 -6.03 -5.38 -1.89
CA PHE A 749 -6.12 -6.74 -2.36
C PHE A 749 -5.02 -7.10 -3.35
N GLN A 750 -4.20 -6.13 -3.75
CA GLN A 750 -3.05 -6.44 -4.60
C GLN A 750 -2.14 -7.43 -3.90
N HIS A 751 -1.93 -7.28 -2.60
CA HIS A 751 -1.07 -8.22 -1.88
C HIS A 751 -1.69 -9.62 -1.87
N GLY A 752 -2.97 -9.72 -1.56
CA GLY A 752 -3.61 -11.02 -1.56
C GLY A 752 -3.51 -11.72 -2.89
N PHE A 753 -3.68 -10.97 -3.98
CA PHE A 753 -3.63 -11.60 -5.30
C PHE A 753 -2.20 -11.92 -5.74
N VAL A 754 -1.24 -11.01 -5.48
CA VAL A 754 0.14 -11.27 -5.87
C VAL A 754 0.68 -12.48 -5.13
N LEU A 755 0.43 -12.57 -3.83
CA LEU A 755 0.91 -13.71 -3.05
C LEU A 755 -0.01 -14.92 -3.15
N GLY A 756 -1.21 -14.75 -3.68
CA GLY A 756 -2.14 -15.85 -3.84
C GLY A 756 -1.92 -16.59 -5.14
N ASN A 757 -2.93 -17.39 -5.50
CA ASN A 757 -2.95 -18.11 -6.78
C ASN A 757 -4.30 -17.85 -7.42
N ILE A 758 -4.35 -16.96 -8.41
CA ILE A 758 -5.58 -16.51 -9.03
C ILE A 758 -5.54 -16.85 -10.51
N SER A 759 -6.61 -17.48 -10.99
CA SER A 759 -6.76 -17.78 -12.41
C SER A 759 -7.35 -16.58 -13.14
N ASP A 760 -6.83 -16.32 -14.33
CA ASP A 760 -7.18 -15.07 -15.02
C ASP A 760 -8.67 -14.95 -15.29
N ASP A 761 -9.41 -16.06 -15.33
CA ASP A 761 -10.86 -15.95 -15.42
C ASP A 761 -11.42 -15.25 -14.20
N ARG A 762 -10.90 -15.60 -13.01
CA ARG A 762 -11.33 -14.91 -11.79
C ARG A 762 -11.00 -13.42 -11.87
N LEU A 763 -9.81 -13.10 -12.39
CA LEU A 763 -9.43 -11.70 -12.53
C LEU A 763 -10.36 -10.98 -13.50
N ARG A 764 -10.76 -11.64 -14.58
CA ARG A 764 -11.69 -11.03 -15.52
C ARG A 764 -13.03 -10.77 -14.86
N MET A 765 -13.52 -11.72 -14.07
CA MET A 765 -14.77 -11.48 -13.35
C MET A 765 -14.63 -10.31 -12.41
N LEU A 766 -13.51 -10.23 -11.68
CA LEU A 766 -13.32 -9.14 -10.73
C LEU A 766 -13.29 -7.80 -11.43
N ASP A 767 -12.55 -7.71 -12.54
CA ASP A 767 -12.49 -6.43 -13.24
C ASP A 767 -13.82 -6.08 -13.88
N VAL A 768 -14.60 -7.07 -14.32
CA VAL A 768 -15.94 -6.79 -14.81
C VAL A 768 -16.79 -6.21 -13.69
N GLN A 769 -16.69 -6.77 -12.49
CA GLN A 769 -17.41 -6.20 -11.36
C GLN A 769 -16.99 -4.76 -11.13
N ILE A 770 -15.68 -4.49 -11.19
CA ILE A 770 -15.20 -3.12 -11.00
C ILE A 770 -15.78 -2.21 -12.07
N ARG A 771 -15.78 -2.67 -13.32
CA ARG A 771 -16.28 -1.84 -14.41
C ARG A 771 -17.75 -1.53 -14.22
N LYS A 772 -18.55 -2.53 -13.85
CA LYS A 772 -19.97 -2.29 -13.63
C LYS A 772 -20.19 -1.29 -12.50
N ALA A 773 -19.45 -1.45 -11.41
CA ALA A 773 -19.61 -0.51 -10.30
C ALA A 773 -19.24 0.90 -10.71
N VAL A 774 -18.15 1.06 -11.45
CA VAL A 774 -17.73 2.39 -11.87
C VAL A 774 -18.74 2.98 -12.83
N GLY A 775 -19.27 2.17 -13.74
CA GLY A 775 -20.30 2.66 -14.64
C GLY A 775 -21.54 3.11 -13.89
N GLN A 776 -21.90 2.39 -12.84
CA GLN A 776 -23.03 2.82 -12.02
C GLN A 776 -22.73 4.17 -11.38
N TRP A 777 -21.55 4.33 -10.76
CA TRP A 777 -21.25 5.59 -10.09
C TRP A 777 -21.24 6.74 -11.08
N LEU A 778 -20.63 6.55 -12.23
CA LEU A 778 -20.51 7.60 -13.23
C LEU A 778 -21.71 7.68 -14.15
N ARG A 779 -22.67 6.77 -14.02
CA ARG A 779 -23.88 6.79 -14.83
C ARG A 779 -23.55 6.68 -16.32
N LEU A 780 -22.61 5.83 -16.65
CA LEU A 780 -22.24 5.61 -18.04
C LEU A 780 -22.99 4.42 -18.62
N PRO A 781 -23.18 4.36 -19.94
CA PRO A 781 -23.81 3.18 -20.54
C PRO A 781 -22.86 1.99 -20.56
N ALA A 782 -23.27 0.90 -21.18
CA ALA A 782 -22.48 -0.33 -21.20
C ALA A 782 -21.68 -0.51 -22.48
N ASP A 783 -21.76 0.42 -23.43
CA ASP A 783 -21.02 0.33 -24.68
C ASP A 783 -19.74 1.14 -24.68
N VAL A 784 -19.41 1.79 -23.57
CA VAL A 784 -18.19 2.61 -23.55
C VAL A 784 -16.98 1.69 -23.77
N PRO A 785 -15.95 2.11 -24.49
CA PRO A 785 -14.84 1.19 -24.78
C PRO A 785 -14.18 0.72 -23.50
N LYS A 786 -13.70 -0.53 -23.54
CA LYS A 786 -13.08 -1.12 -22.37
C LYS A 786 -11.91 -0.27 -21.89
N ALA A 787 -11.03 0.13 -22.81
CA ALA A 787 -9.79 0.77 -22.42
C ALA A 787 -9.99 2.08 -21.68
N TYR A 788 -11.16 2.71 -21.82
CA TYR A 788 -11.33 4.03 -21.22
C TYR A 788 -11.15 3.96 -19.71
N TYR A 789 -11.68 2.92 -19.07
CA TYR A 789 -11.57 2.82 -17.63
C TYR A 789 -10.11 2.74 -17.18
N HIS A 790 -9.30 1.96 -17.88
CA HIS A 790 -8.01 1.53 -17.36
C HIS A 790 -6.81 2.24 -17.96
N ALA A 791 -6.97 2.95 -19.07
CA ALA A 791 -5.85 3.70 -19.62
C ALA A 791 -5.40 4.75 -18.61
N ALA A 792 -4.09 4.94 -18.53
CA ALA A 792 -3.54 5.83 -17.52
C ALA A 792 -4.12 7.24 -17.69
N VAL A 793 -3.87 8.07 -16.69
CA VAL A 793 -4.47 9.40 -16.66
C VAL A 793 -4.08 10.19 -17.90
N GLN A 794 -2.79 10.20 -18.24
CA GLN A 794 -2.32 11.06 -19.32
C GLN A 794 -2.95 10.66 -20.65
N ASP A 795 -3.06 9.37 -20.92
CA ASP A 795 -3.66 8.91 -22.16
C ASP A 795 -5.14 9.22 -22.24
N GLY A 796 -5.74 9.79 -21.21
CA GLY A 796 -7.13 10.16 -21.23
C GLY A 796 -8.08 9.17 -20.60
N GLY A 797 -7.57 8.12 -19.98
CA GLY A 797 -8.42 7.15 -19.32
C GLY A 797 -8.75 7.55 -17.91
N LEU A 798 -9.48 6.67 -17.23
CA LEU A 798 -9.88 6.89 -15.85
C LEU A 798 -8.85 6.42 -14.85
N ALA A 799 -7.78 5.78 -15.31
CA ALA A 799 -6.70 5.32 -14.44
C ALA A 799 -7.16 4.32 -13.40
N ILE A 800 -8.32 3.70 -13.61
CA ILE A 800 -8.77 2.63 -12.72
C ILE A 800 -7.94 1.40 -13.07
N PRO A 801 -7.14 0.87 -12.16
CA PRO A 801 -6.21 -0.19 -12.54
C PRO A 801 -6.95 -1.47 -12.93
N SER A 802 -6.56 -2.03 -14.07
CA SER A 802 -7.12 -3.29 -14.53
C SER A 802 -6.44 -4.42 -13.79
N VAL A 803 -7.19 -5.11 -12.92
CA VAL A 803 -6.59 -6.19 -12.15
C VAL A 803 -6.02 -7.24 -13.11
N ARG A 804 -6.81 -7.62 -14.12
CA ARG A 804 -6.42 -8.75 -14.97
C ARG A 804 -5.04 -8.55 -15.55
N ALA A 805 -4.68 -7.33 -15.93
CA ALA A 805 -3.36 -7.07 -16.49
C ALA A 805 -2.37 -6.54 -15.47
N THR A 806 -2.80 -5.70 -14.54
CA THR A 806 -1.85 -5.11 -13.59
C THR A 806 -1.26 -6.17 -12.67
N ILE A 807 -2.06 -7.15 -12.24
CA ILE A 807 -1.54 -8.14 -11.30
C ILE A 807 -0.40 -8.94 -11.88
N PRO A 808 -0.52 -9.56 -13.06
CA PRO A 808 0.65 -10.27 -13.61
C PRO A 808 1.87 -9.39 -13.71
N ASP A 809 1.71 -8.13 -14.10
CA ASP A 809 2.84 -7.23 -14.17
C ASP A 809 3.48 -7.06 -12.80
N LEU A 810 2.66 -6.87 -11.77
CA LEU A 810 3.21 -6.68 -10.43
C LEU A 810 3.95 -7.92 -9.95
N ILE A 811 3.40 -9.10 -10.19
CA ILE A 811 4.04 -10.30 -9.69
C ILE A 811 5.33 -10.56 -10.45
N VAL A 812 5.35 -10.30 -11.76
CA VAL A 812 6.60 -10.43 -12.51
C VAL A 812 7.65 -9.47 -11.96
N ARG A 813 7.27 -8.21 -11.77
CA ARG A 813 8.24 -7.22 -11.29
C ARG A 813 8.78 -7.61 -9.92
N ARG A 814 7.90 -8.09 -9.03
CA ARG A 814 8.33 -8.37 -7.67
C ARG A 814 9.09 -9.67 -7.55
N PHE A 815 8.84 -10.65 -8.42
CA PHE A 815 9.50 -11.94 -8.35
C PHE A 815 10.70 -12.05 -9.29
N GLY A 816 10.93 -11.06 -10.15
CA GLY A 816 12.14 -11.08 -10.96
C GLY A 816 13.39 -10.96 -10.11
N GLY A 817 13.36 -10.09 -9.11
CA GLY A 817 14.52 -9.84 -8.28
C GLY A 817 14.79 -10.86 -7.20
N LEU A 818 13.95 -11.90 -7.10
CA LEU A 818 14.14 -12.88 -6.04
C LEU A 818 15.47 -13.62 -6.19
N ASP A 819 15.85 -13.97 -7.41
CA ASP A 819 17.12 -14.67 -7.63
C ASP A 819 18.32 -13.81 -7.23
N SER A 820 18.20 -12.49 -7.30
CA SER A 820 19.30 -11.60 -7.00
C SER A 820 19.25 -11.03 -5.59
N SER A 821 18.36 -11.54 -4.75
CA SER A 821 18.27 -11.02 -3.39
C SER A 821 19.54 -11.39 -2.62
N PRO A 822 20.01 -10.51 -1.73
CA PRO A 822 21.18 -10.87 -0.92
C PRO A 822 20.94 -12.08 -0.04
N TRP A 823 19.72 -12.25 0.46
CA TRP A 823 19.41 -13.38 1.33
C TRP A 823 19.64 -14.69 0.60
N SER A 824 20.36 -15.62 1.23
CA SER A 824 20.63 -16.90 0.59
C SER A 824 19.35 -17.73 0.48
N VAL A 825 18.55 -17.76 1.54
CA VAL A 825 17.31 -18.52 1.49
C VAL A 825 16.37 -17.96 0.43
N ALA A 826 16.39 -16.65 0.22
CA ALA A 826 15.57 -16.06 -0.85
C ALA A 826 15.97 -16.65 -2.19
N ARG A 827 17.28 -16.69 -2.47
CA ARG A 827 17.74 -17.27 -3.74
C ARG A 827 17.35 -18.74 -3.83
N ALA A 828 17.46 -19.46 -2.72
CA ALA A 828 17.06 -20.87 -2.73
C ALA A 828 15.58 -21.02 -3.08
N ALA A 829 14.74 -20.17 -2.50
CA ALA A 829 13.32 -20.22 -2.82
C ALA A 829 13.07 -19.91 -4.29
N ALA A 830 13.79 -18.91 -4.82
CA ALA A 830 13.55 -18.50 -6.21
C ALA A 830 13.78 -19.64 -7.19
N LYS A 831 14.54 -20.67 -6.79
CA LYS A 831 14.74 -21.84 -7.63
C LYS A 831 13.69 -22.92 -7.37
N SER A 832 12.71 -22.67 -6.51
CA SER A 832 11.65 -23.62 -6.29
C SER A 832 10.80 -23.77 -7.54
N ASP A 833 10.26 -24.97 -7.74
CA ASP A 833 9.46 -25.23 -8.91
C ASP A 833 8.18 -24.40 -8.91
N LYS A 834 7.54 -24.26 -7.74
CA LYS A 834 6.28 -23.55 -7.69
C LYS A 834 6.43 -22.10 -8.13
N ILE A 835 7.43 -21.40 -7.60
CA ILE A 835 7.63 -20.01 -7.98
C ILE A 835 8.02 -19.90 -9.44
N ARG A 836 8.80 -20.85 -9.95
CA ARG A 836 9.16 -20.83 -11.35
C ARG A 836 7.92 -20.93 -12.23
N LYS A 837 7.02 -21.85 -11.90
CA LYS A 837 5.79 -21.98 -12.67
C LYS A 837 4.94 -20.72 -12.56
N LYS A 838 4.84 -20.15 -11.36
CA LYS A 838 4.08 -18.92 -11.19
C LYS A 838 4.64 -17.82 -12.07
N LEU A 839 5.97 -17.68 -12.07
CA LEU A 839 6.59 -16.63 -12.88
C LEU A 839 6.40 -16.89 -14.37
N ARG A 840 6.42 -18.16 -14.77
CA ARG A 840 6.19 -18.47 -16.18
C ARG A 840 4.80 -18.02 -16.61
N TRP A 841 3.79 -18.36 -15.81
CA TRP A 841 2.44 -17.93 -16.14
C TRP A 841 2.32 -16.41 -16.11
N ALA A 842 2.98 -15.77 -15.15
CA ALA A 842 2.97 -14.31 -15.11
C ALA A 842 3.55 -13.72 -16.37
N TRP A 843 4.68 -14.25 -16.82
CA TRP A 843 5.30 -13.74 -18.03
C TRP A 843 4.40 -13.93 -19.24
N LYS A 844 3.78 -15.09 -19.35
CA LYS A 844 2.84 -15.31 -20.45
C LYS A 844 1.74 -14.26 -20.43
N GLN A 845 1.10 -14.07 -19.27
CA GLN A 845 -0.01 -13.14 -19.19
C GLN A 845 0.44 -11.72 -19.54
N LEU A 846 1.54 -11.27 -18.95
CA LEU A 846 2.00 -9.91 -19.23
C LEU A 846 2.32 -9.75 -20.71
N ARG A 847 2.97 -10.76 -21.31
CA ARG A 847 3.25 -10.70 -22.74
C ARG A 847 1.97 -10.57 -23.54
N ARG A 848 0.89 -11.19 -23.08
CA ARG A 848 -0.36 -11.10 -23.83
C ARG A 848 -1.03 -9.74 -23.69
N PHE A 849 -0.85 -9.06 -22.56
CA PHE A 849 -1.54 -7.81 -22.27
C PHE A 849 -0.58 -6.63 -22.14
N SER A 850 0.43 -6.55 -22.98
CA SER A 850 1.35 -5.42 -22.94
C SER A 850 2.06 -5.29 -24.27
N ARG A 851 2.69 -4.13 -24.46
CA ARG A 851 3.53 -3.86 -25.60
C ARG A 851 4.87 -3.35 -25.10
N VAL A 852 5.96 -3.82 -25.71
CA VAL A 852 7.29 -3.48 -25.23
C VAL A 852 7.51 -1.98 -25.36
N ASP A 853 7.99 -1.36 -24.29
CA ASP A 853 8.33 0.05 -24.33
C ASP A 853 9.50 0.29 -25.29
N SER A 854 9.48 1.44 -25.96
CA SER A 854 10.53 1.74 -26.92
C SER A 854 11.83 2.12 -26.24
N THR A 855 11.75 2.94 -25.18
CA THR A 855 12.96 3.51 -24.59
C THR A 855 13.63 2.58 -23.58
N THR A 856 12.86 1.98 -22.67
CA THR A 856 13.42 1.13 -21.64
C THR A 856 13.22 -0.35 -21.92
N GLN A 857 12.54 -0.70 -23.01
CA GLN A 857 12.37 -2.09 -23.44
C GLN A 857 11.76 -2.98 -22.35
N ARG A 858 11.17 -2.38 -21.33
CA ARG A 858 10.50 -3.14 -20.28
C ARG A 858 9.00 -3.17 -20.57
N PRO A 859 8.38 -4.34 -20.71
CA PRO A 859 6.96 -4.38 -21.08
C PRO A 859 6.12 -3.57 -20.10
N SER A 860 5.17 -2.83 -20.65
CA SER A 860 4.31 -1.94 -19.87
C SER A 860 2.86 -2.15 -20.27
N VAL A 861 1.98 -2.16 -19.27
CA VAL A 861 0.56 -2.26 -19.57
C VAL A 861 -0.04 -0.92 -19.98
N ARG A 862 0.52 0.19 -19.50
CA ARG A 862 0.02 1.50 -19.89
C ARG A 862 -0.07 1.61 -21.41
N LEU A 863 0.95 1.10 -22.11
CA LEU A 863 0.95 1.15 -23.56
C LEU A 863 -0.21 0.38 -24.15
N PHE A 864 -0.55 -0.76 -23.55
CA PHE A 864 -1.64 -1.58 -24.09
C PHE A 864 -2.96 -0.83 -24.05
N TRP A 865 -3.31 -0.29 -22.88
CA TRP A 865 -4.55 0.45 -22.78
C TRP A 865 -4.51 1.71 -23.65
N ARG A 866 -3.37 2.38 -23.69
CA ARG A 866 -3.26 3.55 -24.56
C ARG A 866 -3.58 3.19 -26.00
N GLU A 867 -2.97 2.12 -26.51
CA GLU A 867 -3.23 1.71 -27.87
C GLU A 867 -4.70 1.38 -28.09
N HIS A 868 -5.29 0.63 -27.15
CA HIS A 868 -6.69 0.25 -27.33
C HIS A 868 -7.60 1.48 -27.34
N LEU A 869 -7.35 2.43 -26.45
CA LEU A 869 -8.25 3.57 -26.31
C LEU A 869 -8.28 4.40 -27.59
N HIS A 870 -7.11 4.80 -28.09
CA HIS A 870 -7.08 5.66 -29.27
C HIS A 870 -7.60 4.93 -30.49
N ALA A 871 -7.41 3.62 -30.57
CA ALA A 871 -7.96 2.85 -31.68
C ALA A 871 -9.48 2.75 -31.62
N SER A 872 -10.06 2.87 -30.43
CA SER A 872 -11.51 2.78 -30.30
C SER A 872 -12.18 3.94 -31.02
N VAL A 873 -13.40 3.68 -31.51
CA VAL A 873 -14.12 4.68 -32.28
C VAL A 873 -14.36 5.93 -31.46
N ASP A 874 -14.80 5.76 -30.21
CA ASP A 874 -15.13 6.92 -29.39
C ASP A 874 -13.88 7.66 -28.93
N GLY A 875 -12.80 6.95 -28.67
CA GLY A 875 -11.57 7.56 -28.19
C GLY A 875 -10.64 8.06 -29.26
N ARG A 876 -11.01 7.91 -30.54
CA ARG A 876 -10.11 8.31 -31.62
C ARG A 876 -9.69 9.77 -31.47
N GLU A 877 -10.60 10.63 -31.03
CA GLU A 877 -10.30 12.05 -30.91
C GLU A 877 -9.38 12.36 -29.75
N LEU A 878 -9.10 11.39 -28.87
CA LEU A 878 -8.28 11.61 -27.69
C LEU A 878 -6.80 11.33 -27.96
N ARG A 879 -6.42 11.07 -29.21
CA ARG A 879 -5.06 10.66 -29.49
C ARG A 879 -4.03 11.72 -29.14
N GLU A 880 -4.46 12.98 -28.96
CA GLU A 880 -3.52 14.05 -28.67
C GLU A 880 -3.33 14.29 -27.18
N SER A 881 -4.02 13.56 -26.32
CA SER A 881 -3.89 13.80 -24.89
C SER A 881 -2.49 13.50 -24.38
N THR A 882 -1.87 12.42 -24.86
CA THR A 882 -0.58 12.00 -24.33
C THR A 882 0.47 13.10 -24.48
N ARG A 883 0.50 13.75 -25.64
CA ARG A 883 1.51 14.77 -25.88
C ARG A 883 1.35 15.98 -24.99
N THR A 884 0.18 16.18 -24.40
CA THR A 884 -0.07 17.31 -23.51
C THR A 884 -0.49 16.80 -22.14
N PRO A 885 0.43 16.64 -21.19
CA PRO A 885 0.04 16.12 -19.87
C PRO A 885 -0.96 17.00 -19.16
N THR A 886 -0.91 18.31 -19.37
CA THR A 886 -1.79 19.23 -18.67
C THR A 886 -3.23 19.17 -19.17
N SER A 887 -3.48 18.51 -20.30
CA SER A 887 -4.84 18.48 -20.83
C SER A 887 -5.78 17.72 -19.91
N THR A 888 -5.27 16.84 -19.07
CA THR A 888 -6.10 15.94 -18.28
C THR A 888 -5.87 16.15 -16.78
N LYS A 889 -5.29 17.28 -16.39
CA LYS A 889 -5.06 17.52 -14.98
C LYS A 889 -6.36 17.62 -14.19
N TRP A 890 -7.49 17.83 -14.85
CA TRP A 890 -8.75 17.92 -14.13
C TRP A 890 -9.29 16.55 -13.72
N ILE A 891 -8.62 15.46 -14.08
CA ILE A 891 -9.15 14.14 -13.73
C ILE A 891 -8.73 13.74 -12.32
N ARG A 892 -7.51 14.06 -11.91
CA ARG A 892 -6.98 13.56 -10.65
C ARG A 892 -6.48 14.63 -9.69
N GLU A 893 -5.85 15.70 -10.16
CA GLU A 893 -5.29 16.71 -9.26
C GLU A 893 -6.32 17.76 -8.87
N ARG A 894 -7.00 18.35 -9.84
CA ARG A 894 -7.98 19.40 -9.59
C ARG A 894 -9.41 18.88 -9.55
N CYS A 895 -9.60 17.62 -9.14
CA CYS A 895 -10.95 17.08 -9.04
C CYS A 895 -11.68 17.60 -7.81
N ALA A 896 -10.99 18.34 -6.93
CA ALA A 896 -11.62 18.82 -5.71
C ALA A 896 -12.32 20.16 -5.89
N GLN A 897 -12.05 20.88 -6.98
CA GLN A 897 -12.63 22.19 -7.19
C GLN A 897 -13.91 22.17 -7.99
N ILE A 898 -14.42 20.99 -8.35
CA ILE A 898 -15.62 20.87 -9.18
C ILE A 898 -16.59 19.90 -8.52
N THR A 899 -17.87 20.23 -8.60
CA THR A 899 -18.91 19.45 -7.96
C THR A 899 -19.01 18.06 -8.58
N GLY A 900 -19.79 17.19 -7.93
CA GLY A 900 -19.98 15.85 -8.45
C GLY A 900 -20.73 15.83 -9.76
N ARG A 901 -21.79 16.63 -9.86
CA ARG A 901 -22.65 16.58 -11.05
C ARG A 901 -21.88 17.02 -12.28
N ASP A 902 -21.15 18.13 -12.20
CA ASP A 902 -20.43 18.60 -13.37
C ASP A 902 -19.28 17.66 -13.71
N PHE A 903 -18.68 17.01 -12.72
CA PHE A 903 -17.70 15.96 -13.03
C PHE A 903 -18.33 14.82 -13.79
N VAL A 904 -19.52 14.38 -13.39
CA VAL A 904 -20.16 13.28 -14.12
C VAL A 904 -20.49 13.71 -15.53
N GLN A 905 -20.96 14.94 -15.70
CA GLN A 905 -21.21 15.44 -17.05
C GLN A 905 -19.92 15.48 -17.86
N PHE A 906 -18.83 15.94 -17.25
CA PHE A 906 -17.54 15.98 -17.94
C PHE A 906 -17.15 14.61 -18.43
N VAL A 907 -17.27 13.60 -17.56
CA VAL A 907 -16.91 12.25 -17.97
C VAL A 907 -17.84 11.77 -19.07
N HIS A 908 -19.13 12.10 -18.98
CA HIS A 908 -20.08 11.67 -20.00
C HIS A 908 -19.69 12.18 -21.38
N THR A 909 -19.40 13.47 -21.48
CA THR A 909 -19.08 14.02 -22.79
C THR A 909 -17.65 13.70 -23.21
N HIS A 910 -16.74 13.54 -22.25
CA HIS A 910 -15.33 13.36 -22.59
C HIS A 910 -15.12 12.11 -23.43
N ILE A 911 -15.78 11.01 -23.06
CA ILE A 911 -15.74 9.79 -23.85
C ILE A 911 -16.90 9.71 -24.83
N ASN A 912 -17.66 10.80 -24.98
CA ASN A 912 -18.79 10.85 -25.91
C ASN A 912 -19.85 9.81 -25.53
N ALA A 913 -20.37 9.97 -24.31
CA ALA A 913 -21.42 9.10 -23.78
C ALA A 913 -22.80 9.73 -23.89
N LEU A 914 -22.95 10.76 -24.70
CA LEU A 914 -24.24 11.41 -24.85
C LEU A 914 -25.08 10.61 -25.83
N PRO A 915 -26.24 10.10 -25.43
CA PRO A 915 -27.00 9.20 -26.32
C PRO A 915 -27.66 9.93 -27.48
N SER A 916 -26.87 10.29 -28.49
CA SER A 916 -27.45 10.79 -29.73
C SER A 916 -28.07 9.65 -30.51
N ARG A 917 -28.88 10.01 -31.51
CA ARG A 917 -29.58 8.98 -32.29
C ARG A 917 -28.58 8.05 -32.97
N ILE A 918 -27.54 8.61 -33.59
CA ILE A 918 -26.53 7.76 -34.21
C ILE A 918 -25.87 6.88 -33.16
N ARG A 919 -25.51 7.45 -32.02
CA ARG A 919 -24.96 6.66 -30.94
C ARG A 919 -26.03 5.81 -30.27
N GLY A 920 -27.29 6.18 -30.41
CA GLY A 920 -28.38 5.41 -29.86
C GLY A 920 -28.89 4.30 -30.74
N SER A 921 -28.30 4.14 -31.94
CA SER A 921 -28.74 3.15 -32.90
C SER A 921 -27.71 2.05 -33.12
N ARG A 922 -26.78 1.88 -32.19
CA ARG A 922 -25.73 0.87 -32.34
C ARG A 922 -26.37 -0.51 -32.29
N GLY A 923 -26.45 -1.16 -33.45
CA GLY A 923 -27.14 -2.42 -33.59
C GLY A 923 -28.61 -2.30 -33.95
N ARG A 924 -29.15 -1.08 -34.01
CA ARG A 924 -30.56 -0.85 -34.29
C ARG A 924 -30.72 0.14 -35.45
N ARG A 925 -29.91 -0.04 -36.50
CA ARG A 925 -30.00 0.82 -37.69
C ARG A 925 -30.93 0.26 -38.75
N GLY A 926 -31.93 -0.52 -38.36
CA GLY A 926 -32.95 -0.97 -39.29
C GLY A 926 -34.00 0.06 -39.61
N GLY A 927 -33.97 1.21 -38.94
CA GLY A 927 -34.94 2.27 -39.17
C GLY A 927 -34.57 3.15 -40.34
N GLY A 928 -35.44 4.13 -40.60
CA GLY A 928 -35.27 5.04 -41.70
C GLY A 928 -34.41 6.23 -41.35
N GLU A 929 -34.42 7.21 -42.26
CA GLU A 929 -33.61 8.41 -42.09
C GLU A 929 -33.98 9.16 -40.82
N SER A 930 -35.23 9.05 -40.36
CA SER A 930 -35.61 9.67 -39.10
C SER A 930 -34.78 9.15 -37.94
N SER A 931 -34.19 7.96 -38.10
CA SER A 931 -33.32 7.38 -37.08
C SER A 931 -31.90 7.92 -37.13
N LEU A 932 -31.58 8.78 -38.10
CA LEU A 932 -30.24 9.33 -38.21
C LEU A 932 -30.20 10.82 -38.49
N THR A 933 -31.30 11.46 -38.89
CA THR A 933 -31.27 12.88 -39.18
C THR A 933 -31.39 13.68 -37.89
N CYS A 934 -30.99 14.96 -37.98
CA CYS A 934 -31.10 15.84 -36.84
C CYS A 934 -32.56 16.21 -36.59
N ARG A 935 -32.94 16.23 -35.31
CA ARG A 935 -34.29 16.64 -34.95
C ARG A 935 -34.56 18.08 -35.34
N ALA A 936 -33.56 18.95 -35.21
CA ALA A 936 -33.77 20.37 -35.48
C ALA A 936 -34.11 20.66 -36.93
N GLY A 937 -33.90 19.70 -37.83
CA GLY A 937 -34.19 19.89 -39.23
C GLY A 937 -33.00 20.24 -40.11
N CYS A 938 -31.77 19.98 -39.65
CA CYS A 938 -30.60 20.23 -40.46
C CYS A 938 -30.48 19.23 -41.61
N LYS A 939 -31.23 18.12 -41.56
CA LYS A 939 -31.32 17.18 -42.68
C LYS A 939 -30.02 16.41 -42.88
N VAL A 940 -28.99 16.73 -42.12
CA VAL A 940 -27.70 16.07 -42.24
C VAL A 940 -27.59 14.99 -41.17
N ARG A 941 -26.60 14.12 -41.31
CA ARG A 941 -26.39 13.08 -40.32
C ARG A 941 -26.24 13.69 -38.94
N GLU A 942 -26.94 13.11 -37.95
CA GLU A 942 -26.94 13.65 -36.59
C GLU A 942 -25.81 12.98 -35.82
N THR A 943 -24.68 13.67 -35.80
CA THR A 943 -23.52 13.24 -35.02
C THR A 943 -23.35 14.15 -33.81
N THR A 944 -22.90 13.58 -32.71
CA THR A 944 -22.69 14.37 -31.50
C THR A 944 -21.85 15.59 -31.81
N ALA A 945 -20.83 15.44 -32.65
CA ALA A 945 -20.07 16.59 -33.09
C ALA A 945 -20.96 17.58 -33.83
N HIS A 946 -21.86 17.08 -34.67
CA HIS A 946 -22.78 17.97 -35.36
C HIS A 946 -23.62 18.75 -34.37
N ILE A 947 -24.15 18.08 -33.35
CA ILE A 947 -25.00 18.76 -32.37
C ILE A 947 -24.21 19.83 -31.64
N LEU A 948 -22.99 19.50 -31.22
CA LEU A 948 -22.22 20.44 -30.41
C LEU A 948 -21.65 21.59 -31.21
N GLN A 949 -21.40 21.41 -32.51
CA GLN A 949 -20.64 22.42 -33.24
C GLN A 949 -21.41 23.04 -34.40
N GLN A 950 -22.10 22.24 -35.20
CA GLN A 950 -22.62 22.74 -36.47
C GLN A 950 -24.10 23.11 -36.41
N CYS A 951 -24.90 22.43 -35.59
CA CYS A 951 -26.33 22.72 -35.56
C CYS A 951 -26.56 24.18 -35.21
N HIS A 952 -27.40 24.84 -36.01
CA HIS A 952 -27.67 26.26 -35.80
C HIS A 952 -28.31 26.52 -34.44
N ARG A 953 -29.10 25.57 -33.93
CA ARG A 953 -29.77 25.76 -32.65
C ARG A 953 -28.80 26.05 -31.52
N THR A 954 -27.57 25.52 -31.59
CA THR A 954 -26.55 25.76 -30.60
C THR A 954 -25.62 26.90 -30.99
N HIS A 955 -26.06 27.75 -31.93
CA HIS A 955 -25.27 28.90 -32.34
C HIS A 955 -24.91 29.78 -31.15
N GLY A 956 -25.93 30.24 -30.42
CA GLY A 956 -25.68 31.12 -29.30
C GLY A 956 -24.89 30.43 -28.20
N GLY A 957 -25.11 29.13 -28.01
CA GLY A 957 -24.31 28.39 -27.06
C GLY A 957 -22.84 28.42 -27.40
N ARG A 958 -22.52 28.20 -28.68
CA ARG A 958 -21.13 28.27 -29.10
C ARG A 958 -20.56 29.67 -28.85
N ILE A 959 -21.33 30.70 -29.19
CA ILE A 959 -20.83 32.06 -28.98
C ILE A 959 -20.55 32.30 -27.51
N LEU A 960 -21.47 31.90 -26.63
CA LEU A 960 -21.26 32.19 -25.21
C LEU A 960 -20.09 31.37 -24.66
N ARG A 961 -19.88 30.16 -25.16
CA ARG A 961 -18.70 29.41 -24.74
C ARG A 961 -17.42 30.13 -25.16
N HIS A 962 -17.38 30.62 -26.39
CA HIS A 962 -16.22 31.36 -26.85
C HIS A 962 -16.01 32.61 -25.99
N ASN A 963 -17.09 33.32 -25.69
CA ASN A 963 -16.98 34.52 -24.87
C ASN A 963 -16.44 34.19 -23.48
N LYS A 964 -16.94 33.10 -22.89
CA LYS A 964 -16.48 32.72 -21.56
C LYS A 964 -14.99 32.39 -21.58
N ILE A 965 -14.55 31.58 -22.54
CA ILE A 965 -13.15 31.19 -22.56
C ILE A 965 -12.26 32.39 -22.82
N VAL A 966 -12.65 33.25 -23.76
CA VAL A 966 -11.83 34.41 -24.05
C VAL A 966 -11.80 35.36 -22.86
N SER A 967 -12.91 35.49 -22.13
CA SER A 967 -12.89 36.30 -20.92
C SER A 967 -11.91 35.73 -19.90
N PHE A 968 -11.93 34.42 -19.71
CA PHE A 968 -11.03 33.80 -18.73
C PHE A 968 -9.58 34.03 -19.11
N VAL A 969 -9.23 33.74 -20.37
CA VAL A 969 -7.84 33.89 -20.76
C VAL A 969 -7.44 35.35 -20.73
N ALA A 970 -8.35 36.26 -21.09
CA ALA A 970 -8.04 37.69 -21.03
C ALA A 970 -7.77 38.12 -19.60
N LYS A 971 -8.58 37.66 -18.64
CA LYS A 971 -8.35 38.03 -17.26
C LYS A 971 -7.01 37.52 -16.76
N ALA A 972 -6.70 36.25 -17.06
CA ALA A 972 -5.40 35.71 -16.63
C ALA A 972 -4.24 36.45 -17.28
N MET A 973 -4.31 36.64 -18.59
CA MET A 973 -3.27 37.30 -19.35
C MET A 973 -3.07 38.74 -18.88
N GLU A 974 -4.15 39.41 -18.47
CA GLU A 974 -4.03 40.70 -17.79
C GLU A 974 -3.31 40.54 -16.46
N GLU A 975 -3.67 39.51 -15.69
CA GLU A 975 -3.01 39.28 -14.41
C GLU A 975 -1.52 39.04 -14.59
N ASN A 976 -1.10 38.73 -15.81
CA ASN A 976 0.32 38.61 -16.15
C ASN A 976 0.90 39.91 -16.69
N LYS A 977 0.44 41.05 -16.15
CA LYS A 977 1.00 42.38 -16.43
C LYS A 977 1.12 42.64 -17.94
N TRP A 978 -0.05 42.75 -18.57
CA TRP A 978 -0.15 43.06 -19.99
C TRP A 978 -1.25 44.08 -20.22
N THR A 979 -1.50 44.38 -21.49
CA THR A 979 -2.57 45.28 -21.90
C THR A 979 -3.66 44.50 -22.63
N VAL A 980 -4.91 44.92 -22.44
CA VAL A 980 -6.08 44.20 -22.94
C VAL A 980 -6.93 45.17 -23.76
N GLU A 981 -7.35 44.71 -24.94
CA GLU A 981 -8.39 45.37 -25.72
C GLU A 981 -9.18 44.28 -26.43
N LEU A 982 -10.29 43.85 -25.81
CA LEU A 982 -11.03 42.70 -26.29
C LEU A 982 -11.73 43.03 -27.61
N GLU A 983 -11.65 42.09 -28.56
CA GLU A 983 -12.35 42.20 -29.82
C GLU A 983 -12.13 43.57 -30.47
N PRO A 984 -10.91 43.86 -30.94
CA PRO A 984 -10.67 45.14 -31.60
C PRO A 984 -11.45 45.23 -32.91
N ARG A 985 -12.28 46.26 -33.04
CA ARG A 985 -13.06 46.47 -34.24
C ARG A 985 -12.18 47.18 -35.27
N LEU A 986 -11.62 46.43 -36.20
CA LEU A 986 -10.76 46.96 -37.24
C LEU A 986 -11.30 46.56 -38.60
N ARG A 987 -11.36 47.52 -39.51
CA ARG A 987 -11.89 47.33 -40.86
C ARG A 987 -10.71 47.35 -41.82
N THR A 988 -10.18 46.16 -42.12
CA THR A 988 -9.03 46.05 -43.01
C THR A 988 -9.49 46.13 -44.47
N SER A 989 -8.51 46.15 -45.37
CA SER A 989 -8.82 46.23 -46.79
C SER A 989 -9.61 45.03 -47.28
N VAL A 990 -9.26 43.83 -46.81
CA VAL A 990 -9.96 42.64 -47.25
C VAL A 990 -11.42 42.69 -46.82
N GLY A 991 -11.68 43.10 -45.59
CA GLY A 991 -13.04 43.19 -45.09
C GLY A 991 -13.12 43.37 -43.59
N LEU A 992 -14.04 42.66 -42.96
CA LEU A 992 -14.25 42.75 -41.52
C LEU A 992 -13.64 41.52 -40.87
N ARG A 993 -12.63 41.74 -40.01
CA ARG A 993 -11.98 40.68 -39.28
C ARG A 993 -12.10 40.95 -37.78
N LYS A 994 -12.34 39.89 -37.00
CA LYS A 994 -12.59 40.00 -35.57
C LYS A 994 -11.54 39.19 -34.82
N PRO A 995 -10.40 39.80 -34.47
CA PRO A 995 -9.43 39.12 -33.62
C PRO A 995 -9.97 38.95 -32.21
N ALA A 996 -9.45 37.92 -31.52
CA ALA A 996 -9.90 37.63 -30.17
C ALA A 996 -9.38 38.67 -29.19
N ILE A 997 -8.05 38.82 -29.11
CA ILE A 997 -7.44 39.75 -28.17
C ILE A 997 -6.10 40.22 -28.72
N ILE A 998 -5.80 41.49 -28.45
CA ILE A 998 -4.51 42.10 -28.78
C ILE A 998 -3.81 42.45 -27.48
N ALA A 999 -2.49 42.29 -27.47
CA ALA A 999 -1.69 42.47 -26.27
C ALA A 999 -0.49 43.35 -26.58
N SER A 1000 0.03 43.99 -25.53
CA SER A 1000 1.20 44.85 -25.67
C SER A 1000 1.84 45.04 -24.32
N ARG A 1001 3.13 44.69 -24.21
CA ARG A 1001 3.89 44.91 -23.00
C ARG A 1001 5.31 45.29 -23.38
N ASP A 1002 5.82 46.38 -22.80
CA ASP A 1002 7.22 46.78 -22.98
C ASP A 1002 7.62 46.77 -24.45
N GLY A 1003 6.69 47.16 -25.33
CA GLY A 1003 6.97 47.26 -26.75
C GLY A 1003 6.72 46.00 -27.56
N VAL A 1004 6.37 44.90 -26.92
CA VAL A 1004 6.08 43.65 -27.62
C VAL A 1004 4.62 43.31 -27.43
N GLY A 1005 3.96 42.96 -28.52
CA GLY A 1005 2.55 42.60 -28.49
C GLY A 1005 2.31 41.26 -29.15
N VAL A 1006 1.20 40.64 -28.78
CA VAL A 1006 0.85 39.30 -29.24
C VAL A 1006 -0.60 39.32 -29.71
N ILE A 1007 -0.85 38.67 -30.84
CA ILE A 1007 -2.20 38.48 -31.37
C ILE A 1007 -2.61 37.05 -31.02
N VAL A 1008 -3.44 36.91 -29.99
CA VAL A 1008 -3.89 35.62 -29.51
C VAL A 1008 -5.32 35.41 -29.99
N ASP A 1009 -5.55 34.30 -30.69
CA ASP A 1009 -6.89 33.90 -31.11
C ASP A 1009 -7.30 32.66 -30.32
N VAL A 1010 -8.60 32.51 -30.13
CA VAL A 1010 -9.16 31.38 -29.38
C VAL A 1010 -10.24 30.74 -30.23
N GLN A 1011 -10.21 29.41 -30.31
CA GLN A 1011 -11.30 28.67 -30.91
C GLN A 1011 -11.19 27.20 -30.51
N VAL A 1012 -12.32 26.52 -30.58
CA VAL A 1012 -12.38 25.08 -30.33
C VAL A 1012 -12.67 24.40 -31.67
N VAL A 1013 -12.17 23.17 -31.80
CA VAL A 1013 -12.26 22.46 -33.07
C VAL A 1013 -12.52 20.99 -32.80
N SER A 1014 -13.14 20.32 -33.76
CA SER A 1014 -13.36 18.89 -33.67
C SER A 1014 -12.02 18.17 -33.57
N GLY A 1015 -12.01 17.09 -32.80
CA GLY A 1015 -10.81 16.32 -32.58
C GLY A 1015 -10.48 15.32 -33.66
N GLN A 1016 -11.31 15.23 -34.70
CA GLN A 1016 -11.10 14.22 -35.74
C GLN A 1016 -9.89 14.50 -36.62
N ARG A 1017 -9.35 15.72 -36.57
CA ARG A 1017 -8.18 16.09 -37.36
C ARG A 1017 -7.08 16.58 -36.44
N SER A 1018 -5.84 16.46 -36.91
CA SER A 1018 -4.70 16.87 -36.10
C SER A 1018 -4.88 18.31 -35.64
N LEU A 1019 -4.70 18.54 -34.34
CA LEU A 1019 -5.01 19.86 -33.79
C LEU A 1019 -3.99 20.90 -34.24
N ASP A 1020 -2.74 20.50 -34.43
CA ASP A 1020 -1.72 21.48 -34.80
C ASP A 1020 -1.92 22.00 -36.21
N GLU A 1021 -2.42 21.16 -37.13
CA GLU A 1021 -2.70 21.67 -38.47
C GLU A 1021 -3.84 22.70 -38.42
N LEU A 1022 -4.85 22.45 -37.60
CA LEU A 1022 -5.91 23.44 -37.41
C LEU A 1022 -5.33 24.72 -36.81
N HIS A 1023 -4.39 24.57 -35.87
CA HIS A 1023 -3.74 25.74 -35.28
C HIS A 1023 -3.03 26.56 -36.34
N ARG A 1024 -2.28 25.88 -37.21
CA ARG A 1024 -1.57 26.58 -38.27
C ARG A 1024 -2.54 27.26 -39.23
N GLU A 1025 -3.64 26.58 -39.56
CA GLU A 1025 -4.63 27.17 -40.45
C GLU A 1025 -5.23 28.44 -39.84
N LYS A 1026 -5.57 28.39 -38.54
CA LYS A 1026 -6.08 29.58 -37.88
C LYS A 1026 -5.04 30.69 -37.83
N ARG A 1027 -3.77 30.33 -37.63
CA ARG A 1027 -2.71 31.32 -37.51
C ARG A 1027 -2.35 31.96 -38.85
N ASN A 1028 -2.53 31.24 -39.96
CA ASN A 1028 -2.12 31.78 -41.26
C ASN A 1028 -2.91 33.03 -41.62
N LYS A 1029 -4.23 33.01 -41.41
CA LYS A 1029 -5.07 34.10 -41.90
C LYS A 1029 -4.95 35.35 -41.03
N TYR A 1030 -4.28 35.29 -39.89
CA TYR A 1030 -3.99 36.46 -39.09
C TYR A 1030 -2.53 36.91 -39.21
N GLY A 1031 -1.58 36.00 -39.01
CA GLY A 1031 -0.18 36.38 -39.00
C GLY A 1031 0.42 36.58 -40.37
N ASN A 1032 -0.24 36.10 -41.42
CA ASN A 1032 0.28 36.21 -42.78
C ASN A 1032 -0.59 37.16 -43.62
N HIS A 1033 -1.00 38.27 -43.03
CA HIS A 1033 -1.73 39.31 -43.75
C HIS A 1033 -0.97 40.62 -43.83
N GLY A 1034 -0.25 40.99 -42.76
CA GLY A 1034 0.59 42.17 -42.80
C GLY A 1034 -0.16 43.47 -42.50
N GLU A 1035 -1.12 43.81 -43.35
CA GLU A 1035 -1.82 45.08 -43.19
C GLU A 1035 -2.55 45.15 -41.86
N LEU A 1036 -3.24 44.07 -41.47
CA LEU A 1036 -3.86 44.04 -40.16
C LEU A 1036 -2.80 44.04 -39.06
N VAL A 1037 -1.64 43.44 -39.33
CA VAL A 1037 -0.56 43.44 -38.36
C VAL A 1037 -0.12 44.88 -38.07
N GLU A 1038 0.08 45.66 -39.13
CA GLU A 1038 0.48 47.06 -38.93
C GLU A 1038 -0.66 47.88 -38.35
N LEU A 1039 -1.91 47.54 -38.67
CA LEU A 1039 -3.03 48.25 -38.06
C LEU A 1039 -3.04 48.05 -36.55
N VAL A 1040 -2.87 46.82 -36.10
CA VAL A 1040 -2.83 46.57 -34.66
C VAL A 1040 -1.58 47.18 -34.04
N ALA A 1041 -0.47 47.18 -34.78
CA ALA A 1041 0.74 47.82 -34.28
C ALA A 1041 0.52 49.31 -34.05
N GLY A 1042 -0.12 49.98 -35.01
CA GLY A 1042 -0.41 51.39 -34.85
C GLY A 1042 -1.40 51.66 -33.74
N ARG A 1043 -2.43 50.82 -33.63
CA ARG A 1043 -3.41 50.98 -32.55
C ARG A 1043 -2.73 50.85 -31.19
N LEU A 1044 -1.81 49.88 -31.06
CA LEU A 1044 -1.06 49.73 -29.81
C LEU A 1044 -0.04 50.84 -29.62
N GLY A 1045 0.43 51.46 -30.70
CA GLY A 1045 1.37 52.54 -30.62
C GLY A 1045 2.82 52.18 -30.89
N LEU A 1046 3.10 50.95 -31.30
CA LEU A 1046 4.45 50.53 -31.61
C LEU A 1046 4.62 50.37 -33.12
N PRO A 1047 5.67 50.96 -33.72
CA PRO A 1047 5.74 51.00 -35.19
C PRO A 1047 6.21 49.70 -35.82
N LYS A 1048 7.13 48.99 -35.18
CA LYS A 1048 7.74 47.81 -35.76
C LYS A 1048 6.75 46.66 -35.73
N ALA A 1049 6.58 45.98 -36.87
CA ALA A 1049 5.60 44.91 -36.96
C ALA A 1049 6.08 43.63 -36.28
N GLU A 1050 7.39 43.39 -36.28
CA GLU A 1050 7.90 42.14 -35.70
C GLU A 1050 7.49 41.99 -34.24
N CYS A 1051 7.36 43.09 -33.52
CA CYS A 1051 6.93 43.04 -32.13
C CYS A 1051 5.53 42.46 -31.97
N VAL A 1052 4.74 42.43 -33.05
CA VAL A 1052 3.41 41.83 -33.04
C VAL A 1052 3.53 40.40 -33.54
N ARG A 1053 2.98 39.46 -32.79
CA ARG A 1053 3.10 38.04 -33.11
C ARG A 1053 1.72 37.38 -33.10
N ALA A 1054 1.59 36.32 -33.88
CA ALA A 1054 0.33 35.60 -34.03
C ALA A 1054 0.32 34.37 -33.14
N THR A 1055 -0.80 34.15 -32.46
CA THR A 1055 -0.95 33.01 -31.57
C THR A 1055 -2.42 32.61 -31.53
N SER A 1056 -2.68 31.32 -31.35
CA SER A 1056 -4.03 30.78 -31.35
C SER A 1056 -4.19 29.78 -30.21
N CYS A 1057 -5.12 30.07 -29.30
CA CYS A 1057 -5.51 29.14 -28.24
C CYS A 1057 -6.46 28.12 -28.86
N THR A 1058 -5.98 26.89 -29.02
CA THR A 1058 -6.73 25.84 -29.71
C THR A 1058 -6.95 24.68 -28.74
N ILE A 1059 -8.21 24.37 -28.48
CA ILE A 1059 -8.59 23.27 -27.61
C ILE A 1059 -9.74 22.51 -28.26
N SER A 1060 -9.60 21.19 -28.37
CA SER A 1060 -10.69 20.39 -28.88
C SER A 1060 -11.88 20.44 -27.92
N TRP A 1061 -13.07 20.25 -28.48
CA TRP A 1061 -14.27 20.36 -27.64
C TRP A 1061 -14.32 19.30 -26.56
N ARG A 1062 -13.51 18.25 -26.65
CA ARG A 1062 -13.38 17.27 -25.59
C ARG A 1062 -12.45 17.71 -24.47
N GLY A 1063 -11.82 18.88 -24.60
CA GLY A 1063 -10.93 19.37 -23.59
C GLY A 1063 -9.48 18.93 -23.73
N VAL A 1064 -9.08 18.48 -24.92
CA VAL A 1064 -7.71 18.05 -25.17
C VAL A 1064 -6.93 19.23 -25.73
N TRP A 1065 -5.74 19.46 -25.20
CA TRP A 1065 -4.91 20.56 -25.63
C TRP A 1065 -4.22 20.23 -26.95
N SER A 1066 -3.70 21.27 -27.59
CA SER A 1066 -2.85 21.13 -28.76
C SER A 1066 -1.42 21.49 -28.38
N LEU A 1067 -0.49 20.57 -28.63
CA LEU A 1067 0.85 20.69 -28.07
C LEU A 1067 1.49 22.01 -28.47
N THR A 1068 1.52 22.31 -29.77
CA THR A 1068 2.19 23.52 -30.23
C THR A 1068 1.56 24.76 -29.61
N SER A 1069 0.23 24.78 -29.51
CA SER A 1069 -0.44 25.90 -28.86
C SER A 1069 -0.03 26.01 -27.41
N TYR A 1070 0.05 24.88 -26.70
CA TYR A 1070 0.47 24.89 -25.31
C TYR A 1070 1.85 25.52 -25.19
N LYS A 1071 2.80 25.05 -26.02
CA LYS A 1071 4.17 25.54 -25.93
C LYS A 1071 4.25 27.03 -26.22
N GLU A 1072 3.63 27.46 -27.32
CA GLU A 1072 3.73 28.87 -27.69
C GLU A 1072 3.06 29.75 -26.65
N LEU A 1073 1.91 29.31 -26.13
CA LEU A 1073 1.20 30.08 -25.12
C LEU A 1073 2.00 30.20 -23.82
N ARG A 1074 2.68 29.14 -23.40
CA ARG A 1074 3.44 29.19 -22.16
C ARG A 1074 4.82 29.81 -22.34
N SER A 1075 5.31 29.94 -23.57
CA SER A 1075 6.64 30.47 -23.82
C SER A 1075 6.63 31.90 -24.32
N ILE A 1076 5.94 32.17 -25.43
CA ILE A 1076 5.94 33.51 -26.00
C ILE A 1076 5.40 34.51 -24.99
N ILE A 1077 4.27 34.19 -24.36
CA ILE A 1077 3.69 35.00 -23.31
C ILE A 1077 3.70 34.17 -22.04
N GLY A 1078 4.18 34.75 -20.95
CA GLY A 1078 4.36 34.01 -19.72
C GLY A 1078 3.09 33.83 -18.91
N LEU A 1079 2.65 32.58 -18.78
CA LEU A 1079 1.54 32.24 -17.90
C LEU A 1079 1.86 30.96 -17.15
N ARG A 1080 1.58 30.97 -15.84
CA ARG A 1080 1.82 29.79 -15.03
C ARG A 1080 0.84 28.69 -15.43
N GLU A 1081 1.29 27.45 -15.26
CA GLU A 1081 0.52 26.29 -15.71
C GLU A 1081 -0.83 26.17 -15.00
N PRO A 1082 -0.96 26.55 -13.73
CA PRO A 1082 -2.27 26.38 -13.07
C PRO A 1082 -3.40 27.05 -13.85
N THR A 1083 -3.16 28.24 -14.41
CA THR A 1083 -4.16 28.86 -15.25
C THR A 1083 -4.45 28.01 -16.47
N LEU A 1084 -3.40 27.48 -17.11
CA LEU A 1084 -3.59 26.63 -18.28
C LEU A 1084 -4.28 25.33 -17.93
N GLN A 1085 -4.19 24.87 -16.67
CA GLN A 1085 -4.87 23.66 -16.28
C GLN A 1085 -6.38 23.80 -16.33
N ILE A 1086 -6.89 25.02 -16.35
CA ILE A 1086 -8.33 25.25 -16.21
C ILE A 1086 -9.04 25.43 -17.54
N VAL A 1087 -8.32 25.79 -18.60
CA VAL A 1087 -8.96 25.98 -19.90
C VAL A 1087 -9.75 24.75 -20.30
N PRO A 1088 -9.24 23.54 -20.16
CA PRO A 1088 -10.06 22.36 -20.51
C PRO A 1088 -11.35 22.30 -19.71
N ILE A 1089 -11.34 22.75 -18.46
CA ILE A 1089 -12.58 22.78 -17.68
C ILE A 1089 -13.60 23.68 -18.37
N LEU A 1090 -13.17 24.88 -18.76
CA LEU A 1090 -14.09 25.79 -19.43
C LEU A 1090 -14.61 25.20 -20.72
N ALA A 1091 -13.72 24.61 -21.52
CA ALA A 1091 -14.15 24.02 -22.78
C ALA A 1091 -15.18 22.92 -22.56
N LEU A 1092 -14.90 22.03 -21.60
CA LEU A 1092 -15.78 20.90 -21.36
C LEU A 1092 -17.13 21.36 -20.84
N ARG A 1093 -17.13 22.29 -19.89
CA ARG A 1093 -18.37 22.81 -19.34
C ARG A 1093 -19.20 23.50 -20.42
N GLY A 1094 -18.54 24.30 -21.27
CA GLY A 1094 -19.26 24.94 -22.34
C GLY A 1094 -19.87 23.96 -23.31
N SER A 1095 -19.12 22.91 -23.67
CA SER A 1095 -19.65 21.91 -24.58
C SER A 1095 -20.88 21.23 -23.99
N HIS A 1096 -20.79 20.83 -22.72
CA HIS A 1096 -21.95 20.15 -22.13
C HIS A 1096 -23.13 21.09 -21.96
N MET A 1097 -22.87 22.36 -21.66
CA MET A 1097 -23.95 23.34 -21.61
C MET A 1097 -24.61 23.48 -22.98
N ASN A 1098 -23.82 23.44 -24.04
CA ASN A 1098 -24.39 23.48 -25.38
C ASN A 1098 -25.28 22.26 -25.62
N TRP A 1099 -24.82 21.08 -25.23
CA TRP A 1099 -25.63 19.88 -25.42
C TRP A 1099 -26.94 19.98 -24.65
N THR A 1100 -26.87 20.39 -23.38
CA THR A 1100 -28.09 20.42 -22.57
C THR A 1100 -29.03 21.53 -23.06
N ARG A 1101 -28.48 22.62 -23.60
CA ARG A 1101 -29.31 23.65 -24.21
C ARG A 1101 -30.02 23.13 -25.43
N PHE A 1102 -29.30 22.39 -26.28
CA PHE A 1102 -29.93 21.76 -27.43
C PHE A 1102 -31.09 20.88 -27.00
N ASN A 1103 -30.84 20.01 -26.02
CA ASN A 1103 -31.92 19.15 -25.56
C ASN A 1103 -33.05 19.94 -24.93
N GLN A 1104 -32.74 21.07 -24.27
CA GLN A 1104 -33.77 21.84 -23.61
C GLN A 1104 -34.70 22.50 -24.61
N MET A 1105 -34.16 23.22 -25.61
CA MET A 1105 -35.01 23.73 -26.67
C MET A 1105 -35.27 22.71 -27.76
N THR A 1106 -35.09 21.42 -27.46
CA THR A 1106 -35.55 20.39 -28.37
C THR A 1106 -37.03 20.55 -28.71
N SER A 1107 -37.82 21.08 -27.77
CA SER A 1107 -39.25 21.27 -27.97
C SER A 1107 -39.92 19.93 -28.26
ZN ZN E . -17.98 -38.71 -2.42
ZN ZN F . -29.19 19.02 -37.58
#